data_3GN1
#
_entry.id   3GN1
#
_cell.length_a   74.641
_cell.length_b   90.408
_cell.length_c   82.638
_cell.angle_alpha   90.00
_cell.angle_beta   115.73
_cell.angle_gamma   90.00
#
_symmetry.space_group_name_H-M   'P 1 21 1'
#
loop_
_entity.id
_entity.type
_entity.pdbx_description
1 polymer 'Pteridine reductase'
2 non-polymer 'NADP NICOTINAMIDE-ADENINE-DINUCLEOTIDE PHOSPHATE'
3 non-polymer 1H-benzimidazol-2-amine
4 non-polymer 'ACETATE ION'
5 water water
#
_entity_poly.entity_id   1
_entity_poly.type   'polypeptide(L)'
_entity_poly.pdbx_seq_one_letter_code
;MGSSHHHHHHSSGLVPRGSHMEAPAAVVTGAAKRIGRAIAVKLHQTGYRVVIHYHNSAEAAVSLADELNKERSNTAVVCQ
ADLTNSNVLPASCEEIINSCFRAFGRCDVLVNNASAFYPTPLVQGDHEDNSNGKTVETQVAELIGTNAIAPFLLTMSFAQ
RQKGTNPNCTSSNLSIVNLCDAMVDQP(CSX)MAFSLYNMGKHALVGLTQSAALELAPYGIRVNGVAPGVSLLPVAMGEE
EKDKWRRKVPLGRREASAEQIADAVIFLVSGSAQYITGSIIKVDGGLSLVHA
;
_entity_poly.pdbx_strand_id   A,B,C,D
#
loop_
_chem_comp.id
_chem_comp.type
_chem_comp.name
_chem_comp.formula
ACT non-polymer 'ACETATE ION' 'C2 H3 O2 -1'
AX7 non-polymer 1H-benzimidazol-2-amine 'C7 H7 N3'
NAP non-polymer 'NADP NICOTINAMIDE-ADENINE-DINUCLEOTIDE PHOSPHATE' 'C21 H28 N7 O17 P3'
#
# COMPACT_ATOMS: atom_id res chain seq x y z
N GLU A 22 6.39 31.78 -25.85
CA GLU A 22 6.91 30.58 -26.57
C GLU A 22 6.36 29.28 -25.97
N ALA A 23 6.21 28.25 -26.81
CA ALA A 23 5.55 27.01 -26.43
C ALA A 23 6.48 26.04 -25.71
N PRO A 24 5.95 25.32 -24.68
CA PRO A 24 6.77 24.33 -24.00
C PRO A 24 6.97 23.10 -24.90
N ALA A 25 7.97 22.28 -24.53
CA ALA A 25 8.33 21.10 -25.29
C ALA A 25 8.21 19.84 -24.45
N ALA A 26 7.81 18.74 -25.09
CA ALA A 26 7.71 17.46 -24.39
C ALA A 26 8.36 16.31 -25.15
N VAL A 27 8.99 15.41 -24.40
CA VAL A 27 9.49 14.14 -24.92
C VAL A 27 8.53 13.03 -24.44
N VAL A 28 8.05 12.25 -25.39
CA VAL A 28 7.24 11.04 -25.10
C VAL A 28 7.99 9.88 -25.71
N THR A 29 8.35 8.91 -24.87
CA THR A 29 8.96 7.69 -25.37
C THR A 29 7.91 6.71 -25.92
N GLY A 30 8.34 5.89 -26.89
CA GLY A 30 7.48 4.91 -27.55
C GLY A 30 6.19 5.55 -28.02
N ALA A 31 6.29 6.70 -28.68
CA ALA A 31 5.15 7.57 -29.00
C ALA A 31 4.57 7.36 -30.41
N ALA A 32 5.11 6.40 -31.16
CA ALA A 32 4.64 6.16 -32.56
C ALA A 32 3.20 5.69 -32.66
N LYS A 33 2.73 4.98 -31.64
CA LYS A 33 1.36 4.41 -31.72
C LYS A 33 0.73 4.23 -30.35
N ARG A 34 -0.51 3.78 -30.37
CA ARG A 34 -1.20 3.35 -29.16
C ARG A 34 -1.25 4.46 -28.09
N ILE A 35 -0.88 4.16 -26.85
CA ILE A 35 -0.95 5.13 -25.76
C ILE A 35 0.05 6.28 -25.88
N GLY A 36 1.30 5.98 -26.25
CA GLY A 36 2.30 7.04 -26.41
C GLY A 36 1.90 8.04 -27.46
N ARG A 37 1.34 7.56 -28.57
CA ARG A 37 0.80 8.46 -29.57
C ARG A 37 -0.34 9.32 -29.01
N ALA A 38 -1.26 8.69 -28.30
CA ALA A 38 -2.41 9.41 -27.70
C ALA A 38 -1.95 10.55 -26.77
N ILE A 39 -0.88 10.29 -26.03
CA ILE A 39 -0.24 11.26 -25.12
C ILE A 39 0.42 12.42 -25.91
N ALA A 40 1.21 12.10 -26.94
CA ALA A 40 1.84 13.17 -27.72
C ALA A 40 0.83 14.01 -28.51
N VAL A 41 -0.25 13.38 -28.99
CA VAL A 41 -1.33 14.11 -29.62
C VAL A 41 -1.98 15.07 -28.65
N LYS A 42 -2.33 14.58 -27.46
CA LYS A 42 -2.99 15.42 -26.48
C LYS A 42 -2.08 16.55 -25.96
N LEU A 43 -0.80 16.23 -25.77
CA LEU A 43 0.18 17.26 -25.41
C LEU A 43 0.25 18.32 -26.52
N HIS A 44 0.25 17.86 -27.77
CA HIS A 44 0.25 18.77 -28.92
C HIS A 44 -1.00 19.67 -28.95
N GLN A 45 -2.17 19.09 -28.72
CA GLN A 45 -3.42 19.85 -28.71
C GLN A 45 -3.46 20.89 -27.59
N THR A 46 -2.75 20.61 -26.49
CA THR A 46 -2.59 21.49 -25.33
C THR A 46 -1.59 22.65 -25.60
N GLY A 47 -0.82 22.55 -26.68
CA GLY A 47 0.16 23.59 -27.03
C GLY A 47 1.63 23.20 -27.00
N TYR A 48 1.92 21.94 -26.63
CA TYR A 48 3.31 21.44 -26.61
C TYR A 48 3.86 21.15 -27.99
N ARG A 49 5.12 21.49 -28.16
CA ARG A 49 5.96 20.91 -29.19
C ARG A 49 6.43 19.55 -28.67
N VAL A 50 6.43 18.53 -29.54
CA VAL A 50 6.72 17.15 -29.11
C VAL A 50 7.94 16.48 -29.80
N VAL A 51 8.66 15.69 -29.04
CA VAL A 51 9.64 14.76 -29.58
C VAL A 51 8.98 13.39 -29.51
N ILE A 52 8.73 12.82 -30.68
CA ILE A 52 8.10 11.50 -30.81
C ILE A 52 9.24 10.48 -30.81
N HIS A 53 9.52 9.88 -29.65
CA HIS A 53 10.53 8.84 -29.62
C HIS A 53 9.92 7.54 -30.11
N TYR A 54 10.72 6.75 -30.81
CA TYR A 54 10.27 5.47 -31.34
C TYR A 54 11.50 4.56 -31.45
N HIS A 55 11.26 3.26 -31.54
CA HIS A 55 12.34 2.31 -31.70
C HIS A 55 12.27 1.64 -33.09
N ASN A 56 11.27 0.78 -33.31
CA ASN A 56 11.12 0.08 -34.59
C ASN A 56 10.04 0.70 -35.49
N SER A 57 9.13 1.48 -34.90
CA SER A 57 7.97 1.98 -35.65
C SER A 57 8.22 3.29 -36.36
N ALA A 58 9.16 3.28 -37.31
CA ALA A 58 9.58 4.46 -38.07
C ALA A 58 8.46 5.05 -38.92
N GLU A 59 7.77 4.19 -39.67
CA GLU A 59 6.68 4.62 -40.56
C GLU A 59 5.60 5.34 -39.75
N ALA A 60 5.25 4.78 -38.60
CA ALA A 60 4.18 5.32 -37.75
C ALA A 60 4.56 6.65 -37.08
N ALA A 61 5.82 6.76 -36.64
CA ALA A 61 6.36 7.97 -36.00
C ALA A 61 6.39 9.19 -36.93
N VAL A 62 6.88 8.95 -38.16
CA VAL A 62 6.95 9.95 -39.23
C VAL A 62 5.53 10.35 -39.67
N SER A 63 4.64 9.38 -39.78
CA SER A 63 3.23 9.64 -40.04
C SER A 63 2.63 10.58 -38.96
N LEU A 64 2.88 10.29 -37.69
CA LEU A 64 2.41 11.15 -36.59
C LEU A 64 2.99 12.56 -36.64
N ALA A 65 4.31 12.67 -36.82
CA ALA A 65 4.95 13.99 -36.86
C ALA A 65 4.42 14.84 -38.02
N ASP A 66 4.20 14.20 -39.17
CA ASP A 66 3.52 14.82 -40.33
C ASP A 66 2.15 15.41 -39.99
N GLU A 67 1.28 14.61 -39.38
CA GLU A 67 -0.04 15.10 -38.92
C GLU A 67 0.06 16.31 -38.00
N LEU A 68 0.91 16.23 -36.98
CA LEU A 68 1.08 17.32 -36.00
C LEU A 68 1.72 18.56 -36.61
N ASN A 69 2.72 18.36 -37.47
CA ASN A 69 3.30 19.47 -38.23
C ASN A 69 2.34 20.09 -39.26
N LYS A 70 1.38 19.32 -39.74
CA LYS A 70 0.36 19.81 -40.65
C LYS A 70 -0.64 20.66 -39.87
N GLU A 71 -0.71 20.43 -38.57
CA GLU A 71 -1.57 21.17 -37.68
C GLU A 71 -0.87 22.49 -37.30
N ARG A 72 0.38 22.40 -36.86
CA ARG A 72 1.20 23.59 -36.60
C ARG A 72 2.62 23.30 -37.04
N SER A 73 3.11 24.09 -37.99
CA SER A 73 4.42 23.88 -38.59
C SER A 73 5.56 23.88 -37.55
N ASN A 74 6.49 22.93 -37.71
CA ASN A 74 7.68 22.81 -36.84
C ASN A 74 7.37 22.60 -35.34
N THR A 75 6.37 21.76 -35.06
CA THR A 75 5.98 21.47 -33.67
C THR A 75 6.11 19.98 -33.31
N ALA A 76 6.74 19.19 -34.19
CA ALA A 76 6.98 17.76 -33.94
C ALA A 76 8.26 17.27 -34.67
N VAL A 77 9.11 16.56 -33.94
CA VAL A 77 10.24 15.79 -34.53
C VAL A 77 10.24 14.36 -34.04
N VAL A 78 10.80 13.44 -34.83
CA VAL A 78 10.92 12.05 -34.39
C VAL A 78 12.33 11.85 -33.80
N CYS A 79 12.50 10.83 -32.95
CA CYS A 79 13.82 10.51 -32.41
C CYS A 79 13.93 9.00 -32.21
N GLN A 80 14.80 8.34 -32.98
CA GLN A 80 14.97 6.88 -32.89
C GLN A 80 15.95 6.56 -31.76
N ALA A 81 15.58 5.58 -30.94
CA ALA A 81 16.51 4.97 -29.98
C ALA A 81 16.01 3.64 -29.40
N ASP A 82 16.95 2.69 -29.26
CA ASP A 82 16.78 1.50 -28.44
C ASP A 82 16.91 1.87 -26.99
N LEU A 83 15.91 1.48 -26.20
CA LEU A 83 15.89 1.69 -24.76
C LEU A 83 16.22 0.45 -23.95
N THR A 84 16.63 -0.63 -24.64
CA THR A 84 17.21 -1.78 -23.98
C THR A 84 18.43 -1.36 -23.15
N ASN A 85 18.59 -1.93 -21.96
CA ASN A 85 19.80 -1.60 -21.19
C ASN A 85 21.10 -2.05 -21.87
N SER A 86 22.13 -1.22 -21.80
CA SER A 86 23.42 -1.56 -22.33
C SER A 86 24.38 -0.50 -21.81
N ASN A 87 25.67 -0.70 -22.05
CA ASN A 87 26.61 0.33 -21.67
C ASN A 87 26.45 1.68 -22.42
N VAL A 88 25.78 1.67 -23.58
CA VAL A 88 25.50 2.95 -24.28
C VAL A 88 24.14 3.58 -23.95
N LEU A 89 23.33 2.89 -23.15
CA LEU A 89 22.01 3.42 -22.83
C LEU A 89 22.05 4.84 -22.23
N PRO A 90 22.96 5.12 -21.26
CA PRO A 90 23.02 6.53 -20.77
C PRO A 90 23.23 7.58 -21.89
N ALA A 91 24.08 7.27 -22.87
CA ALA A 91 24.32 8.16 -24.03
C ALA A 91 23.08 8.29 -24.92
N SER A 92 22.38 7.17 -25.14
CA SER A 92 21.13 7.22 -25.90
C SER A 92 20.07 8.10 -25.22
N CYS A 93 19.92 7.93 -23.90
CA CYS A 93 18.94 8.68 -23.15
C CYS A 93 19.29 10.17 -23.09
N GLU A 94 20.57 10.47 -22.89
CA GLU A 94 21.07 11.83 -22.93
C GLU A 94 20.74 12.44 -24.28
N GLU A 95 20.78 11.63 -25.33
CA GLU A 95 20.60 12.13 -26.69
C GLU A 95 19.15 12.42 -27.01
N ILE A 96 18.24 11.59 -26.49
CA ILE A 96 16.80 11.87 -26.55
C ILE A 96 16.49 13.25 -25.96
N ILE A 97 17.07 13.54 -24.79
CA ILE A 97 16.85 14.87 -24.16
C ILE A 97 17.51 15.97 -24.98
N ASN A 98 18.75 15.73 -25.42
CA ASN A 98 19.43 16.70 -26.30
C ASN A 98 18.64 17.04 -27.57
N SER A 99 17.92 16.06 -28.11
CA SER A 99 17.14 16.22 -29.33
C SER A 99 15.97 17.17 -29.14
N CYS A 100 15.44 17.22 -27.92
CA CYS A 100 14.35 18.13 -27.62
C CYS A 100 14.86 19.57 -27.59
N PHE A 101 15.98 19.76 -26.90
CA PHE A 101 16.63 21.06 -26.85
C PHE A 101 17.10 21.47 -28.23
N ARG A 102 17.46 20.49 -29.06
CA ARG A 102 17.94 20.80 -30.42
C ARG A 102 16.83 21.31 -31.30
N ALA A 103 15.69 20.60 -31.26
CA ALA A 103 14.49 20.98 -31.97
C ALA A 103 13.85 22.23 -31.40
N PHE A 104 13.79 22.35 -30.07
CA PHE A 104 12.89 23.34 -29.46
C PHE A 104 13.44 24.35 -28.45
N GLY A 105 14.70 24.18 -28.03
CA GLY A 105 15.37 25.16 -27.16
C GLY A 105 15.08 24.95 -25.69
N ARG A 106 14.24 23.96 -25.41
CA ARG A 106 13.80 23.69 -24.04
C ARG A 106 13.27 22.28 -23.95
N CYS A 107 13.13 21.79 -22.72
CA CYS A 107 12.45 20.54 -22.46
C CYS A 107 11.71 20.61 -21.13
N ASP A 108 10.40 20.72 -21.20
CA ASP A 108 9.54 20.97 -20.04
C ASP A 108 8.95 19.72 -19.42
N VAL A 109 8.72 18.71 -20.26
CA VAL A 109 7.98 17.51 -19.87
C VAL A 109 8.62 16.29 -20.49
N LEU A 110 8.71 15.24 -19.67
CA LEU A 110 9.17 13.92 -20.10
C LEU A 110 8.11 12.92 -19.72
N VAL A 111 7.71 12.11 -20.68
CA VAL A 111 6.76 11.04 -20.39
C VAL A 111 7.47 9.72 -20.72
N ASN A 112 7.69 8.92 -19.69
CA ASN A 112 8.27 7.60 -19.84
C ASN A 112 7.16 6.58 -20.08
N ASN A 113 6.88 6.35 -21.38
CA ASN A 113 5.81 5.47 -21.87
C ASN A 113 6.33 4.17 -22.48
N ALA A 114 7.49 4.23 -23.15
CA ALA A 114 7.97 3.04 -23.88
C ALA A 114 8.15 1.86 -22.95
N SER A 115 7.77 0.68 -23.42
CA SER A 115 7.68 -0.48 -22.55
C SER A 115 7.71 -1.80 -23.29
N ALA A 116 8.64 -2.65 -22.90
CA ALA A 116 8.61 -4.06 -23.34
C ALA A 116 7.72 -4.87 -22.37
N PHE A 117 6.94 -5.80 -22.90
CA PHE A 117 5.88 -6.54 -22.14
C PHE A 117 5.70 -7.94 -22.74
N TYR A 118 6.29 -8.93 -22.07
CA TYR A 118 6.21 -10.33 -22.47
C TYR A 118 6.59 -11.22 -21.30
N PRO A 119 6.10 -12.48 -21.31
CA PRO A 119 6.35 -13.41 -20.20
C PRO A 119 7.79 -13.90 -20.10
N THR A 120 8.20 -14.20 -18.86
CA THR A 120 9.51 -14.77 -18.55
C THR A 120 9.29 -15.79 -17.45
N PRO A 121 8.77 -16.99 -17.80
CA PRO A 121 8.46 -18.03 -16.79
C PRO A 121 9.68 -18.41 -15.96
N LEU A 122 9.49 -18.55 -14.64
CA LEU A 122 10.57 -18.99 -13.74
C LEU A 122 11.01 -20.44 -13.93
N VAL A 123 10.10 -21.30 -14.42
CA VAL A 123 10.44 -22.71 -14.64
C VAL A 123 10.18 -23.11 -16.09
N GLY A 133 14.23 -16.76 -29.38
CA GLY A 133 15.34 -17.39 -28.69
C GLY A 133 16.15 -16.41 -27.85
N LYS A 134 15.46 -15.52 -27.12
CA LYS A 134 16.14 -14.57 -26.25
C LYS A 134 16.75 -15.24 -25.04
N THR A 135 18.01 -14.92 -24.80
CA THR A 135 18.69 -15.26 -23.55
C THR A 135 17.94 -14.56 -22.42
N VAL A 136 18.07 -15.08 -21.20
CA VAL A 136 17.50 -14.41 -20.03
C VAL A 136 18.12 -13.00 -19.83
N GLU A 137 19.43 -12.83 -20.09
CA GLU A 137 20.04 -11.50 -19.92
C GLU A 137 19.53 -10.49 -20.94
N THR A 138 19.18 -10.94 -22.15
CA THR A 138 18.45 -10.05 -23.09
C THR A 138 17.09 -9.66 -22.54
N GLN A 139 16.36 -10.62 -21.96
CA GLN A 139 15.05 -10.30 -21.39
C GLN A 139 15.19 -9.29 -20.23
N VAL A 140 16.18 -9.50 -19.38
CA VAL A 140 16.49 -8.51 -18.32
C VAL A 140 16.72 -7.12 -18.94
N ALA A 141 17.63 -7.06 -19.91
CA ALA A 141 18.01 -5.82 -20.59
C ALA A 141 16.81 -5.12 -21.19
N GLU A 142 15.92 -5.86 -21.85
CA GLU A 142 14.73 -5.28 -22.45
C GLU A 142 13.65 -4.92 -21.43
N LEU A 143 13.33 -5.87 -20.53
CA LEU A 143 12.20 -5.64 -19.64
C LEU A 143 12.53 -4.65 -18.53
N ILE A 144 13.70 -4.82 -17.91
CA ILE A 144 14.15 -3.88 -16.87
C ILE A 144 14.69 -2.57 -17.49
N GLY A 145 15.31 -2.68 -18.67
CA GLY A 145 15.84 -1.51 -19.37
C GLY A 145 14.76 -0.50 -19.76
N THR A 146 13.80 -0.92 -20.58
CA THR A 146 12.70 -0.08 -21.02
C THR A 146 11.79 0.41 -19.87
N ASN A 147 11.48 -0.46 -18.92
CA ASN A 147 10.48 -0.12 -17.90
C ASN A 147 11.02 0.70 -16.72
N ALA A 148 12.34 0.68 -16.53
CA ALA A 148 12.98 1.25 -15.34
C ALA A 148 14.32 1.96 -15.55
N ILE A 149 15.26 1.32 -16.23
CA ILE A 149 16.60 1.90 -16.36
CA ILE A 149 16.59 1.90 -16.35
C ILE A 149 16.61 3.12 -17.27
N ALA A 150 16.00 2.99 -18.44
CA ALA A 150 15.86 4.14 -19.33
C ALA A 150 15.06 5.30 -18.68
N PRO A 151 13.86 5.03 -18.08
CA PRO A 151 13.20 6.10 -17.34
C PRO A 151 14.15 6.79 -16.34
N PHE A 152 14.94 6.00 -15.62
CA PHE A 152 15.92 6.55 -14.67
C PHE A 152 17.02 7.41 -15.34
N LEU A 153 17.53 6.95 -16.49
CA LEU A 153 18.58 7.68 -17.20
C LEU A 153 18.04 8.92 -17.90
N LEU A 154 16.84 8.77 -18.46
CA LEU A 154 16.12 9.91 -19.04
C LEU A 154 15.80 10.99 -17.98
N THR A 155 15.53 10.57 -16.74
CA THR A 155 15.24 11.47 -15.63
C THR A 155 16.49 12.26 -15.21
N MET A 156 17.62 11.56 -15.06
CA MET A 156 18.91 12.20 -14.86
C MET A 156 19.22 13.25 -15.92
N SER A 157 19.14 12.86 -17.19
CA SER A 157 19.42 13.77 -18.30
C SER A 157 18.44 14.93 -18.37
N PHE A 158 17.14 14.64 -18.19
CA PHE A 158 16.14 15.70 -18.09
C PHE A 158 16.55 16.72 -17.04
N ALA A 159 16.86 16.27 -15.83
CA ALA A 159 17.16 17.20 -14.74
C ALA A 159 18.54 17.87 -14.91
N GLN A 160 19.52 17.10 -15.39
CA GLN A 160 20.85 17.66 -15.71
C GLN A 160 20.76 18.84 -16.69
N ARG A 161 19.92 18.69 -17.72
CA ARG A 161 19.81 19.71 -18.78
C ARG A 161 19.14 21.03 -18.37
N GLN A 162 18.47 21.06 -17.22
CA GLN A 162 17.71 22.24 -16.78
C GLN A 162 18.57 23.41 -16.30
N SER A 172 7.57 28.55 -15.49
CA SER A 172 8.24 27.24 -15.41
C SER A 172 7.33 26.17 -14.75
N ASN A 173 7.03 25.13 -15.53
CA ASN A 173 6.20 24.03 -15.06
C ASN A 173 6.79 22.71 -15.57
N LEU A 174 7.87 22.28 -14.94
CA LEU A 174 8.59 21.07 -15.36
C LEU A 174 8.07 19.80 -14.66
N SER A 175 7.83 18.75 -15.43
CA SER A 175 7.42 17.47 -14.83
C SER A 175 7.74 16.27 -15.69
N ILE A 176 7.77 15.14 -15.01
CA ILE A 176 7.95 13.81 -15.58
C ILE A 176 6.71 12.99 -15.26
N VAL A 177 6.22 12.24 -16.25
CA VAL A 177 5.15 11.28 -15.99
C VAL A 177 5.63 9.91 -16.42
N ASN A 178 5.57 8.98 -15.48
CA ASN A 178 5.92 7.60 -15.77
C ASN A 178 4.68 6.78 -15.95
N LEU A 179 4.63 6.02 -17.05
CA LEU A 179 3.50 5.12 -17.29
C LEU A 179 3.71 3.84 -16.51
N CYS A 180 2.89 3.61 -15.50
CA CYS A 180 3.12 2.50 -14.57
C CYS A 180 2.12 1.36 -14.89
N ASP A 181 1.67 0.61 -13.88
CA ASP A 181 0.76 -0.52 -14.10
C ASP A 181 -0.07 -0.75 -12.82
N ALA A 182 -1.39 -0.62 -12.94
CA ALA A 182 -2.29 -0.68 -11.76
C ALA A 182 -2.37 -2.11 -11.20
N MET A 183 -1.88 -3.05 -11.99
CA MET A 183 -1.94 -4.45 -11.57
C MET A 183 -0.64 -4.97 -10.95
N VAL A 184 0.28 -4.05 -10.61
CA VAL A 184 1.59 -4.42 -10.01
C VAL A 184 1.52 -5.31 -8.76
N ASP A 185 0.44 -5.21 -7.98
CA ASP A 185 0.30 -6.10 -6.82
C ASP A 185 -0.54 -7.34 -7.02
N GLN A 186 -1.16 -7.42 -8.20
CA GLN A 186 -1.85 -8.63 -8.63
C GLN A 186 -1.33 -9.00 -10.01
N PRO A 187 -0.05 -9.37 -10.11
CA PRO A 187 0.58 -9.43 -11.43
C PRO A 187 0.09 -10.58 -12.34
N CSX A 188 0.31 -10.44 -13.65
CA CSX A 188 0.06 -11.49 -14.65
CB CSX A 188 0.33 -10.97 -16.06
SG CSX A 188 -0.83 -9.66 -16.56
C CSX A 188 1.01 -12.63 -14.37
O CSX A 188 2.19 -12.42 -14.09
OD CSX A 188 -1.98 -10.74 -17.23
N MET A 189 0.48 -13.85 -14.44
CA MET A 189 1.22 -15.07 -14.15
C MET A 189 2.41 -15.22 -15.12
N ALA A 190 3.58 -15.57 -14.60
CA ALA A 190 4.82 -15.70 -15.41
C ALA A 190 5.42 -14.39 -16.01
N PHE A 191 5.06 -13.26 -15.44
CA PHE A 191 5.59 -11.97 -15.87
C PHE A 191 6.56 -11.34 -14.85
N SER A 192 7.39 -12.15 -14.20
CA SER A 192 8.22 -11.63 -13.11
CA SER A 192 8.27 -11.66 -13.13
C SER A 192 9.11 -10.45 -13.51
N LEU A 193 9.83 -10.53 -14.63
CA LEU A 193 10.76 -9.44 -15.00
C LEU A 193 10.01 -8.20 -15.39
N TYR A 194 8.97 -8.36 -16.21
CA TYR A 194 8.10 -7.22 -16.48
C TYR A 194 7.65 -6.55 -15.17
N ASN A 195 7.17 -7.39 -14.25
CA ASN A 195 6.68 -6.89 -12.97
C ASN A 195 7.73 -6.25 -12.08
N MET A 196 8.91 -6.86 -12.08
CA MET A 196 10.05 -6.26 -11.39
C MET A 196 10.35 -4.85 -11.97
N GLY A 197 10.22 -4.72 -13.28
CA GLY A 197 10.52 -3.47 -13.97
C GLY A 197 9.50 -2.41 -13.63
N LYS A 198 8.22 -2.75 -13.66
CA LYS A 198 7.16 -1.81 -13.26
C LYS A 198 7.18 -1.45 -11.77
N HIS A 199 7.57 -2.38 -10.91
CA HIS A 199 7.80 -2.05 -9.50
C HIS A 199 8.95 -1.08 -9.33
N ALA A 200 10.05 -1.32 -10.04
CA ALA A 200 11.22 -0.43 -9.97
C ALA A 200 10.87 0.98 -10.45
N LEU A 201 9.96 1.07 -11.44
CA LEU A 201 9.45 2.35 -11.96
C LEU A 201 8.66 3.13 -10.90
N VAL A 202 7.89 2.45 -10.07
CA VAL A 202 7.28 3.09 -8.90
C VAL A 202 8.32 3.68 -7.95
N GLY A 203 9.33 2.87 -7.63
CA GLY A 203 10.46 3.26 -6.82
C GLY A 203 11.13 4.52 -7.34
N LEU A 204 11.39 4.55 -8.64
CA LEU A 204 11.95 5.72 -9.31
C LEU A 204 11.02 6.95 -9.17
N THR A 205 9.72 6.74 -9.36
CA THR A 205 8.77 7.84 -9.32
C THR A 205 8.90 8.54 -7.98
N GLN A 206 8.90 7.72 -6.92
CA GLN A 206 8.94 8.22 -5.56
C GLN A 206 10.32 8.81 -5.21
N SER A 207 11.41 8.07 -5.50
CA SER A 207 12.78 8.58 -5.33
C SER A 207 13.06 9.91 -6.03
N ALA A 208 12.72 9.98 -7.31
CA ALA A 208 12.94 11.19 -8.13
C ALA A 208 12.05 12.36 -7.71
N ALA A 209 10.80 12.04 -7.39
CA ALA A 209 9.87 13.04 -6.85
C ALA A 209 10.49 13.75 -5.63
N LEU A 210 11.08 12.97 -4.72
CA LEU A 210 11.73 13.49 -3.52
CA LEU A 210 11.73 13.50 -3.53
C LEU A 210 12.98 14.33 -3.86
N GLU A 211 13.83 13.79 -4.74
CA GLU A 211 15.14 14.37 -5.02
C GLU A 211 15.10 15.63 -5.88
N LEU A 212 14.13 15.69 -6.79
CA LEU A 212 14.02 16.75 -7.78
C LEU A 212 12.98 17.84 -7.42
N ALA A 213 12.22 17.59 -6.36
CA ALA A 213 11.33 18.62 -5.83
C ALA A 213 12.04 19.96 -5.59
N PRO A 214 13.23 19.97 -4.94
CA PRO A 214 14.02 21.22 -4.80
C PRO A 214 14.31 22.02 -6.10
N TYR A 215 14.30 21.33 -7.25
CA TYR A 215 14.49 21.94 -8.60
C TYR A 215 13.16 22.31 -9.27
N GLY A 216 12.06 22.07 -8.56
CA GLY A 216 10.70 22.29 -9.08
C GLY A 216 10.36 21.37 -10.24
N ILE A 217 10.95 20.17 -10.25
CA ILE A 217 10.58 19.10 -11.16
C ILE A 217 9.66 18.14 -10.41
N ARG A 218 8.41 18.09 -10.85
CA ARG A 218 7.43 17.16 -10.30
C ARG A 218 7.58 15.82 -11.04
N VAL A 219 7.46 14.71 -10.29
CA VAL A 219 7.57 13.36 -10.84
C VAL A 219 6.37 12.55 -10.37
N ASN A 220 5.56 12.10 -11.34
CA ASN A 220 4.29 11.43 -11.06
C ASN A 220 4.12 10.24 -11.98
N GLY A 221 3.06 9.47 -11.72
CA GLY A 221 2.81 8.32 -12.55
C GLY A 221 1.35 8.19 -12.91
N VAL A 222 1.12 7.44 -13.99
CA VAL A 222 -0.22 7.07 -14.43
C VAL A 222 -0.21 5.56 -14.63
N ALA A 223 -1.16 4.88 -13.98
CA ALA A 223 -1.18 3.42 -13.98
C ALA A 223 -2.44 2.86 -14.63
N PRO A 224 -2.35 2.47 -15.91
CA PRO A 224 -3.47 1.82 -16.53
C PRO A 224 -3.66 0.40 -15.95
N GLY A 225 -4.91 -0.08 -15.98
CA GLY A 225 -5.19 -1.52 -15.78
C GLY A 225 -5.14 -2.19 -17.14
N VAL A 226 -6.30 -2.27 -17.77
CA VAL A 226 -6.40 -2.65 -19.18
C VAL A 226 -6.81 -1.44 -20.02
N SER A 227 -5.89 -1.05 -20.89
CA SER A 227 -6.19 -0.05 -21.88
C SER A 227 -6.09 -0.82 -23.19
N LEU A 228 -5.43 -0.26 -24.20
CA LEU A 228 -5.42 -0.94 -25.50
C LEU A 228 -4.79 -2.30 -25.37
N LEU A 229 -5.55 -3.35 -25.68
CA LEU A 229 -5.04 -4.70 -25.60
C LEU A 229 -3.93 -4.94 -26.65
N PRO A 230 -3.03 -5.94 -26.40
CA PRO A 230 -1.96 -6.19 -27.35
C PRO A 230 -2.54 -6.56 -28.71
N VAL A 231 -1.88 -6.11 -29.80
CA VAL A 231 -2.34 -6.42 -31.16
C VAL A 231 -2.36 -7.93 -31.46
N ALA A 232 -1.55 -8.69 -30.73
CA ALA A 232 -1.39 -10.15 -30.89
C ALA A 232 -2.51 -10.92 -30.19
N MET A 233 -3.23 -10.25 -29.28
CA MET A 233 -4.38 -10.84 -28.60
C MET A 233 -5.60 -10.97 -29.54
N GLY A 234 -6.17 -12.19 -29.57
CA GLY A 234 -7.42 -12.45 -30.31
C GLY A 234 -8.59 -11.85 -29.56
N GLU A 235 -9.69 -11.60 -30.27
CA GLU A 235 -10.89 -10.96 -29.69
C GLU A 235 -11.45 -11.65 -28.42
N GLU A 236 -11.38 -12.98 -28.35
CA GLU A 236 -11.93 -13.73 -27.20
C GLU A 236 -11.18 -13.43 -25.89
N GLU A 237 -9.85 -13.42 -25.98
CA GLU A 237 -8.99 -13.10 -24.84
C GLU A 237 -9.18 -11.65 -24.42
N LYS A 238 -9.31 -10.74 -25.39
CA LYS A 238 -9.62 -9.33 -25.11
C LYS A 238 -10.86 -9.18 -24.24
N ASP A 239 -11.94 -9.86 -24.65
CA ASP A 239 -13.23 -9.83 -23.96
C ASP A 239 -13.21 -10.42 -22.56
N LYS A 240 -12.41 -11.48 -22.37
CA LYS A 240 -12.17 -12.04 -21.04
C LYS A 240 -11.68 -10.94 -20.08
N TRP A 241 -10.71 -10.16 -20.55
CA TRP A 241 -10.19 -9.01 -19.78
C TRP A 241 -11.22 -7.86 -19.63
N ARG A 242 -11.90 -7.53 -20.73
CA ARG A 242 -12.92 -6.49 -20.73
C ARG A 242 -14.01 -6.72 -19.67
N ARG A 243 -14.52 -7.94 -19.65
CA ARG A 243 -15.53 -8.37 -18.69
C ARG A 243 -15.17 -8.27 -17.19
N LYS A 244 -13.89 -8.08 -16.87
CA LYS A 244 -13.45 -7.95 -15.48
CA LYS A 244 -13.43 -7.95 -15.47
C LYS A 244 -13.52 -6.51 -14.95
N VAL A 245 -13.59 -5.54 -15.86
CA VAL A 245 -13.56 -4.12 -15.49
C VAL A 245 -14.93 -3.67 -14.98
N PRO A 246 -15.04 -3.37 -13.66
CA PRO A 246 -16.32 -2.92 -13.09
C PRO A 246 -16.96 -1.76 -13.87
N LEU A 247 -16.17 -0.75 -14.22
CA LEU A 247 -16.68 0.45 -14.86
C LEU A 247 -16.79 0.30 -16.39
N GLY A 248 -17.97 -0.13 -16.82
CA GLY A 248 -18.33 -0.21 -18.24
C GLY A 248 -17.89 -1.48 -18.95
N ARG A 249 -17.23 -2.40 -18.23
CA ARG A 249 -16.80 -3.74 -18.78
C ARG A 249 -16.05 -3.60 -20.09
N ARG A 250 -15.05 -2.71 -20.05
CA ARG A 250 -14.29 -2.33 -21.21
C ARG A 250 -12.95 -1.72 -20.79
N GLU A 251 -12.00 -1.73 -21.72
CA GLU A 251 -10.68 -1.20 -21.52
C GLU A 251 -10.72 0.33 -21.63
N ALA A 252 -9.75 0.97 -20.98
CA ALA A 252 -9.53 2.40 -21.16
C ALA A 252 -9.16 2.72 -22.61
N SER A 253 -9.68 3.82 -23.16
CA SER A 253 -9.17 4.28 -24.46
C SER A 253 -7.78 4.87 -24.26
N ALA A 254 -7.03 5.04 -25.34
CA ALA A 254 -5.72 5.62 -25.24
C ALA A 254 -5.88 7.07 -24.74
N GLU A 255 -6.95 7.76 -25.17
CA GLU A 255 -7.23 9.14 -24.78
C GLU A 255 -7.45 9.26 -23.27
N GLN A 256 -8.18 8.31 -22.70
CA GLN A 256 -8.46 8.27 -21.25
C GLN A 256 -7.17 8.20 -20.40
N ILE A 257 -6.21 7.42 -20.87
CA ILE A 257 -4.88 7.38 -20.22
C ILE A 257 -4.17 8.72 -20.41
N ALA A 258 -4.21 9.26 -21.63
CA ALA A 258 -3.57 10.53 -21.96
C ALA A 258 -4.15 11.69 -21.13
N ASP A 259 -5.48 11.68 -20.92
CA ASP A 259 -6.16 12.65 -20.04
C ASP A 259 -5.51 12.78 -18.67
N ALA A 260 -5.13 11.65 -18.09
CA ALA A 260 -4.53 11.69 -16.76
C ALA A 260 -3.09 12.21 -16.84
N VAL A 261 -2.37 11.83 -17.90
CA VAL A 261 -1.07 12.43 -18.18
C VAL A 261 -1.20 13.97 -18.31
N ILE A 262 -2.15 14.43 -19.13
CA ILE A 262 -2.37 15.86 -19.36
C ILE A 262 -2.70 16.60 -18.06
N PHE A 263 -3.53 15.98 -17.22
CA PHE A 263 -3.83 16.58 -15.93
C PHE A 263 -2.52 16.77 -15.12
N LEU A 264 -1.70 15.72 -15.03
CA LEU A 264 -0.50 15.75 -14.18
C LEU A 264 0.55 16.75 -14.67
N VAL A 265 0.59 17.02 -15.98
CA VAL A 265 1.55 17.98 -16.46
C VAL A 265 1.05 19.44 -16.29
N SER A 266 -0.26 19.60 -16.07
CA SER A 266 -0.90 20.90 -16.04
C SER A 266 -0.71 21.64 -14.73
N GLY A 267 -1.03 22.93 -14.79
CA GLY A 267 -1.08 23.83 -13.65
C GLY A 267 -2.08 23.46 -12.56
N SER A 268 -3.02 22.59 -12.89
CA SER A 268 -3.99 22.07 -11.94
C SER A 268 -3.37 20.98 -11.07
N ALA A 269 -2.12 20.59 -11.37
CA ALA A 269 -1.45 19.57 -10.59
C ALA A 269 -0.13 20.09 -10.00
N GLN A 270 -0.01 21.42 -9.87
CA GLN A 270 1.22 22.09 -9.43
CA GLN A 270 1.23 22.07 -9.42
C GLN A 270 1.74 21.70 -8.03
N TYR A 271 0.90 21.08 -7.20
CA TYR A 271 1.36 20.61 -5.88
C TYR A 271 1.47 19.08 -5.82
N ILE A 272 1.25 18.42 -6.95
CA ILE A 272 1.26 16.99 -7.01
C ILE A 272 2.63 16.52 -7.48
N THR A 273 3.31 15.78 -6.61
CA THR A 273 4.57 15.08 -6.93
C THR A 273 4.68 13.78 -6.10
N GLY A 274 5.25 12.74 -6.69
CA GLY A 274 5.23 11.41 -6.10
C GLY A 274 3.88 10.69 -6.09
N SER A 275 2.93 11.19 -6.87
CA SER A 275 1.61 10.51 -6.98
C SER A 275 1.49 9.61 -8.21
N ILE A 276 0.83 8.47 -8.03
CA ILE A 276 0.59 7.55 -9.12
C ILE A 276 -0.92 7.37 -9.23
N ILE A 277 -1.48 7.89 -10.30
CA ILE A 277 -2.91 7.83 -10.52
C ILE A 277 -3.25 6.59 -11.32
N LYS A 278 -4.00 5.73 -10.67
CA LYS A 278 -4.57 4.55 -11.25
C LYS A 278 -5.70 5.02 -12.17
N VAL A 279 -5.70 4.54 -13.42
CA VAL A 279 -6.76 4.80 -14.40
C VAL A 279 -7.17 3.42 -14.88
N ASP A 280 -7.97 2.73 -14.07
CA ASP A 280 -8.19 1.30 -14.28
C ASP A 280 -9.66 0.83 -14.23
N GLY A 281 -10.61 1.78 -14.14
CA GLY A 281 -12.04 1.38 -14.16
C GLY A 281 -12.43 0.49 -12.99
N GLY A 282 -11.61 0.47 -11.94
CA GLY A 282 -11.84 -0.35 -10.73
C GLY A 282 -11.30 -1.77 -10.78
N LEU A 283 -10.54 -2.07 -11.83
CA LEU A 283 -10.02 -3.44 -12.07
C LEU A 283 -9.21 -4.02 -10.89
N SER A 284 -8.28 -3.21 -10.36
CA SER A 284 -7.43 -3.58 -9.23
C SER A 284 -8.17 -3.88 -7.94
N LEU A 285 -9.44 -3.51 -7.87
CA LEU A 285 -10.24 -3.73 -6.68
C LEU A 285 -11.00 -5.04 -6.71
N VAL A 286 -10.96 -5.76 -7.83
CA VAL A 286 -11.76 -6.96 -8.01
C VAL A 286 -10.94 -8.18 -7.52
N HIS A 287 -11.44 -8.86 -6.48
CA HIS A 287 -10.82 -10.13 -6.04
C HIS A 287 -10.83 -11.25 -7.09
N ALA A 288 -9.97 -12.23 -6.84
CA ALA A 288 -9.92 -13.45 -7.63
C ALA A 288 -11.30 -14.07 -7.73
N GLU B 22 -28.92 21.68 -19.24
CA GLU B 22 -29.14 22.09 -17.80
CA GLU B 22 -29.11 22.16 -17.83
C GLU B 22 -27.87 21.88 -16.95
N ALA B 23 -27.63 22.77 -15.98
CA ALA B 23 -26.40 22.72 -15.18
C ALA B 23 -26.41 21.57 -14.14
N PRO B 24 -25.29 20.84 -14.00
CA PRO B 24 -25.27 19.80 -12.97
C PRO B 24 -25.20 20.42 -11.55
N ALA B 25 -25.34 19.54 -10.55
CA ALA B 25 -25.44 19.96 -9.16
C ALA B 25 -24.54 19.11 -8.27
N ALA B 26 -23.86 19.78 -7.33
CA ALA B 26 -23.00 19.11 -6.35
C ALA B 26 -23.40 19.42 -4.92
N VAL B 27 -23.24 18.40 -4.07
CA VAL B 27 -23.28 18.55 -2.62
C VAL B 27 -21.83 18.52 -2.17
N VAL B 28 -21.41 19.57 -1.44
CA VAL B 28 -20.15 19.60 -0.70
C VAL B 28 -20.42 19.74 0.80
N THR B 29 -19.92 18.78 1.58
CA THR B 29 -20.08 18.82 3.02
C THR B 29 -18.97 19.67 3.63
N GLY B 30 -19.26 20.26 4.79
CA GLY B 30 -18.36 21.20 5.47
C GLY B 30 -17.80 22.26 4.52
N ALA B 31 -18.70 22.95 3.81
CA ALA B 31 -18.30 23.82 2.68
C ALA B 31 -18.25 25.32 2.98
N ALA B 32 -18.48 25.68 4.25
CA ALA B 32 -18.44 27.09 4.68
C ALA B 32 -17.07 27.75 4.58
N LYS B 33 -16.01 26.99 4.86
CA LYS B 33 -14.64 27.56 5.05
C LYS B 33 -13.61 26.67 4.40
N ARG B 34 -12.39 27.20 4.28
CA ARG B 34 -11.20 26.42 3.99
C ARG B 34 -11.31 25.56 2.71
N ILE B 35 -10.92 24.29 2.76
CA ILE B 35 -10.93 23.43 1.58
C ILE B 35 -12.34 23.25 0.99
N GLY B 36 -13.33 22.99 1.85
CA GLY B 36 -14.72 22.84 1.45
C GLY B 36 -15.17 24.03 0.66
N ARG B 37 -14.90 25.23 1.18
CA ARG B 37 -15.27 26.48 0.50
C ARG B 37 -14.66 26.58 -0.91
N ALA B 38 -13.36 26.31 -1.01
CA ALA B 38 -12.64 26.34 -2.29
C ALA B 38 -13.22 25.36 -3.29
N ILE B 39 -13.54 24.16 -2.81
CA ILE B 39 -14.24 23.14 -3.65
C ILE B 39 -15.57 23.65 -4.22
N ALA B 40 -16.42 24.13 -3.34
CA ALA B 40 -17.70 24.70 -3.73
C ALA B 40 -17.55 25.81 -4.78
N VAL B 41 -16.62 26.76 -4.54
CA VAL B 41 -16.37 27.90 -5.45
C VAL B 41 -15.90 27.41 -6.83
N LYS B 42 -14.93 26.49 -6.83
CA LYS B 42 -14.43 25.93 -8.09
C LYS B 42 -15.46 25.06 -8.83
N LEU B 43 -16.22 24.28 -8.08
CA LEU B 43 -17.32 23.58 -8.67
C LEU B 43 -18.30 24.55 -9.36
N HIS B 44 -18.69 25.63 -8.65
CA HIS B 44 -19.56 26.70 -9.20
C HIS B 44 -18.99 27.36 -10.47
N GLN B 45 -17.70 27.68 -10.43
CA GLN B 45 -16.98 28.22 -11.59
C GLN B 45 -16.98 27.30 -12.83
N THR B 46 -16.97 25.99 -12.60
CA THR B 46 -17.04 25.00 -13.68
C THR B 46 -18.45 24.87 -14.25
N GLY B 47 -19.45 25.36 -13.52
CA GLY B 47 -20.86 25.36 -13.98
C GLY B 47 -21.83 24.60 -13.10
N TYR B 48 -21.35 24.11 -11.96
CA TYR B 48 -22.20 23.40 -11.01
C TYR B 48 -23.06 24.35 -10.16
N ARG B 49 -24.31 23.92 -9.96
CA ARG B 49 -25.10 24.43 -8.86
C ARG B 49 -24.64 23.67 -7.61
N VAL B 50 -24.64 24.33 -6.46
CA VAL B 50 -24.04 23.73 -5.26
CA VAL B 50 -23.99 23.80 -5.25
C VAL B 50 -24.91 23.77 -4.04
N VAL B 51 -24.93 22.64 -3.32
CA VAL B 51 -25.48 22.59 -1.98
C VAL B 51 -24.28 22.76 -1.04
N ILE B 52 -24.33 23.82 -0.24
CA ILE B 52 -23.27 24.14 0.74
C ILE B 52 -23.70 23.62 2.12
N HIS B 53 -23.22 22.45 2.49
CA HIS B 53 -23.51 21.91 3.82
C HIS B 53 -22.58 22.55 4.86
N TYR B 54 -23.11 22.84 6.05
CA TYR B 54 -22.33 23.39 7.13
C TYR B 54 -22.89 22.79 8.41
N HIS B 55 -22.08 22.81 9.48
CA HIS B 55 -22.53 22.43 10.81
C HIS B 55 -22.73 23.68 11.69
N ASN B 56 -21.64 24.31 12.11
CA ASN B 56 -21.66 25.47 13.00
C ASN B 56 -21.44 26.80 12.31
N SER B 57 -20.84 26.76 11.12
CA SER B 57 -20.46 28.01 10.46
C SER B 57 -21.59 28.56 9.58
N ALA B 58 -22.69 28.97 10.20
CA ALA B 58 -23.85 29.44 9.42
C ALA B 58 -23.56 30.73 8.67
N GLU B 59 -22.93 31.70 9.34
CA GLU B 59 -22.64 32.99 8.72
C GLU B 59 -21.76 32.83 7.46
N ALA B 60 -20.73 31.98 7.56
CA ALA B 60 -19.83 31.72 6.42
C ALA B 60 -20.53 31.01 5.25
N ALA B 61 -21.41 30.07 5.56
CA ALA B 61 -22.08 29.26 4.54
C ALA B 61 -23.03 30.15 3.74
N VAL B 62 -23.78 30.97 4.47
CA VAL B 62 -24.70 31.96 3.90
C VAL B 62 -23.96 33.04 3.09
N SER B 63 -22.86 33.57 3.64
CA SER B 63 -22.08 34.56 2.90
CA SER B 63 -22.05 34.55 2.91
C SER B 63 -21.56 33.97 1.58
N LEU B 64 -21.10 32.71 1.61
CA LEU B 64 -20.69 31.98 0.39
C LEU B 64 -21.87 31.83 -0.61
N ALA B 65 -22.99 31.30 -0.12
CA ALA B 65 -24.22 31.19 -0.95
C ALA B 65 -24.57 32.52 -1.64
N ASP B 66 -24.59 33.58 -0.85
CA ASP B 66 -24.92 34.90 -1.38
C ASP B 66 -23.96 35.35 -2.51
N GLU B 67 -22.67 35.13 -2.30
CA GLU B 67 -21.64 35.43 -3.30
C GLU B 67 -21.87 34.68 -4.62
N LEU B 68 -22.09 33.37 -4.51
CA LEU B 68 -22.32 32.49 -5.66
C LEU B 68 -23.65 32.81 -6.36
N ASN B 69 -24.71 33.08 -5.60
CA ASN B 69 -25.99 33.53 -6.18
C ASN B 69 -25.96 34.90 -6.84
N LYS B 70 -25.10 35.79 -6.34
CA LYS B 70 -24.81 37.05 -7.02
C LYS B 70 -24.21 36.77 -8.39
N GLU B 71 -23.30 35.80 -8.43
CA GLU B 71 -22.61 35.42 -9.68
C GLU B 71 -23.58 34.85 -10.71
N ARG B 72 -24.48 33.98 -10.26
CA ARG B 72 -25.53 33.42 -11.08
C ARG B 72 -26.68 33.05 -10.14
N SER B 73 -27.86 33.58 -10.40
CA SER B 73 -28.99 33.43 -9.47
C SER B 73 -29.48 31.99 -9.37
N ASN B 74 -29.91 31.60 -8.18
CA ASN B 74 -30.49 30.26 -7.93
C ASN B 74 -29.53 29.14 -8.29
N THR B 75 -28.26 29.34 -7.94
CA THR B 75 -27.24 28.34 -8.17
C THR B 75 -26.62 27.81 -6.87
N ALA B 76 -27.00 28.38 -5.72
CA ALA B 76 -26.45 27.90 -4.43
C ALA B 76 -27.48 27.91 -3.30
N VAL B 77 -27.48 26.84 -2.50
CA VAL B 77 -28.33 26.74 -1.31
C VAL B 77 -27.44 26.22 -0.19
N VAL B 78 -27.85 26.46 1.05
CA VAL B 78 -27.14 25.91 2.20
C VAL B 78 -28.03 24.84 2.83
N CYS B 79 -27.41 24.01 3.67
CA CYS B 79 -28.10 22.93 4.34
C CYS B 79 -27.34 22.62 5.62
N GLN B 80 -27.98 22.78 6.77
CA GLN B 80 -27.31 22.59 8.07
C GLN B 80 -27.53 21.15 8.50
N ALA B 81 -26.48 20.50 9.01
CA ALA B 81 -26.61 19.18 9.62
C ALA B 81 -25.38 18.86 10.45
N ASP B 82 -25.62 18.24 11.61
CA ASP B 82 -24.58 17.65 12.42
C ASP B 82 -24.34 16.24 11.85
N LEU B 83 -23.09 15.94 11.50
CA LEU B 83 -22.65 14.67 10.88
C LEU B 83 -21.96 13.70 11.86
N THR B 84 -21.97 14.04 13.15
CA THR B 84 -21.66 13.10 14.25
C THR B 84 -22.58 11.87 14.11
N ASN B 85 -22.03 10.66 14.27
CA ASN B 85 -22.89 9.48 14.30
C ASN B 85 -23.94 9.49 15.41
N SER B 86 -25.18 9.15 15.05
CA SER B 86 -26.26 8.92 16.02
C SER B 86 -27.37 8.18 15.31
N ASN B 87 -28.44 7.82 16.01
N ASN B 87 -28.43 7.89 16.07
CA ASN B 87 -29.53 7.13 15.31
CA ASN B 87 -29.66 7.29 15.55
C ASN B 87 -30.23 8.04 14.27
C ASN B 87 -30.28 8.07 14.39
N VAL B 88 -29.99 9.36 14.34
CA VAL B 88 -30.61 10.29 13.39
C VAL B 88 -29.71 10.64 12.20
N LEU B 89 -28.46 10.17 12.22
CA LEU B 89 -27.54 10.48 11.11
C LEU B 89 -28.06 10.02 9.74
N PRO B 90 -28.59 8.77 9.61
CA PRO B 90 -29.12 8.40 8.29
C PRO B 90 -30.18 9.36 7.76
N ALA B 91 -31.09 9.81 8.61
CA ALA B 91 -32.09 10.78 8.21
C ALA B 91 -31.43 12.10 7.77
N SER B 92 -30.43 12.55 8.53
CA SER B 92 -29.72 13.79 8.21
C SER B 92 -29.07 13.73 6.81
N CYS B 93 -28.38 12.61 6.56
CA CYS B 93 -27.72 12.36 5.28
C CYS B 93 -28.71 12.24 4.09
N GLU B 94 -29.81 11.54 4.32
CA GLU B 94 -30.95 11.54 3.39
C GLU B 94 -31.42 12.94 3.02
N GLU B 95 -31.52 13.79 4.03
CA GLU B 95 -32.04 15.14 3.90
C GLU B 95 -31.05 16.06 3.15
N ILE B 96 -29.75 15.87 3.38
CA ILE B 96 -28.75 16.60 2.62
C ILE B 96 -28.85 16.30 1.12
N ILE B 97 -28.89 15.02 0.77
CA ILE B 97 -29.10 14.57 -0.61
C ILE B 97 -30.45 15.10 -1.17
N ASN B 98 -31.53 14.94 -0.40
CA ASN B 98 -32.83 15.42 -0.82
C ASN B 98 -32.86 16.92 -1.11
N SER B 99 -32.07 17.69 -0.35
CA SER B 99 -32.05 19.14 -0.55
C SER B 99 -31.45 19.52 -1.92
N CYS B 100 -30.53 18.69 -2.44
CA CYS B 100 -29.95 18.95 -3.76
C CYS B 100 -31.01 18.73 -4.84
N PHE B 101 -31.74 17.62 -4.73
CA PHE B 101 -32.90 17.36 -5.60
C PHE B 101 -34.02 18.41 -5.51
N ARG B 102 -34.37 18.84 -4.29
CA ARG B 102 -35.41 19.86 -4.13
C ARG B 102 -35.01 21.20 -4.75
N ALA B 103 -33.74 21.56 -4.60
CA ALA B 103 -33.21 22.81 -5.15
C ALA B 103 -32.99 22.73 -6.64
N PHE B 104 -32.37 21.65 -7.12
CA PHE B 104 -31.90 21.62 -8.50
C PHE B 104 -32.44 20.51 -9.41
N GLY B 105 -33.18 19.56 -8.84
CA GLY B 105 -33.82 18.49 -9.61
C GLY B 105 -32.86 17.34 -9.96
N ARG B 106 -31.63 17.43 -9.49
CA ARG B 106 -30.61 16.43 -9.76
C ARG B 106 -29.51 16.50 -8.70
N CYS B 107 -28.66 15.48 -8.66
CA CYS B 107 -27.46 15.46 -7.80
C CYS B 107 -26.44 14.59 -8.51
N ASP B 108 -25.46 15.26 -9.08
CA ASP B 108 -24.49 14.66 -9.99
C ASP B 108 -23.18 14.32 -9.27
N VAL B 109 -22.84 15.16 -8.30
CA VAL B 109 -21.57 15.03 -7.57
C VAL B 109 -21.82 15.14 -6.06
N LEU B 110 -21.18 14.23 -5.33
CA LEU B 110 -21.07 14.35 -3.87
C LEU B 110 -19.59 14.46 -3.44
N VAL B 111 -19.27 15.51 -2.69
CA VAL B 111 -17.93 15.68 -2.09
C VAL B 111 -17.99 15.53 -0.55
N ASN B 112 -17.37 14.46 -0.04
CA ASN B 112 -17.28 14.23 1.40
C ASN B 112 -16.02 14.89 1.96
N ASN B 113 -16.23 16.10 2.47
CA ASN B 113 -15.16 16.95 2.92
C ASN B 113 -15.18 17.23 4.44
N ALA B 114 -16.36 17.33 5.04
CA ALA B 114 -16.49 17.68 6.45
C ALA B 114 -15.74 16.66 7.30
N SER B 115 -15.02 17.14 8.31
CA SER B 115 -14.17 16.29 9.11
C SER B 115 -13.85 16.87 10.48
N ALA B 116 -13.97 16.03 11.51
CA ALA B 116 -13.49 16.37 12.85
C ALA B 116 -12.09 15.84 12.91
N PHE B 117 -11.24 16.55 13.62
CA PHE B 117 -9.82 16.27 13.67
C PHE B 117 -9.31 16.82 14.97
N TYR B 118 -8.98 15.89 15.88
CA TYR B 118 -8.39 16.25 17.18
C TYR B 118 -7.83 14.99 17.83
N PRO B 119 -6.87 15.13 18.77
CA PRO B 119 -6.22 13.96 19.36
C PRO B 119 -7.14 13.19 20.30
N THR B 120 -6.92 11.89 20.38
CA THR B 120 -7.64 10.99 21.29
C THR B 120 -6.64 9.99 21.89
N PRO B 121 -5.81 10.44 22.85
CA PRO B 121 -4.77 9.58 23.37
C PRO B 121 -5.33 8.27 23.93
N LEU B 122 -4.55 7.21 23.72
CA LEU B 122 -4.94 5.90 24.22
CA LEU B 122 -4.88 5.87 24.22
C LEU B 122 -4.77 5.76 25.73
N VAL B 123 -3.81 6.49 26.30
CA VAL B 123 -3.58 6.47 27.76
C VAL B 123 -3.61 7.86 28.40
N GLY B 133 -13.70 17.73 27.51
CA GLY B 133 -14.78 17.23 28.37
C GLY B 133 -15.55 16.10 27.74
N LYS B 134 -15.32 15.87 26.43
CA LYS B 134 -16.04 14.85 25.66
C LYS B 134 -15.71 13.44 26.17
N THR B 135 -16.74 12.62 26.31
CA THR B 135 -16.54 11.19 26.56
C THR B 135 -15.90 10.55 25.33
N VAL B 136 -15.17 9.47 25.54
CA VAL B 136 -14.62 8.71 24.43
C VAL B 136 -15.70 8.33 23.38
N GLU B 137 -16.91 7.99 23.81
CA GLU B 137 -17.93 7.59 22.82
C GLU B 137 -18.43 8.77 21.96
N THR B 138 -18.43 9.97 22.52
CA THR B 138 -18.73 11.16 21.74
C THR B 138 -17.64 11.43 20.72
N GLN B 139 -16.38 11.25 21.13
CA GLN B 139 -15.24 11.36 20.20
C GLN B 139 -15.33 10.32 19.06
N VAL B 140 -15.75 9.10 19.41
CA VAL B 140 -15.93 8.05 18.44
C VAL B 140 -17.00 8.48 17.43
N ALA B 141 -18.17 8.86 17.95
CA ALA B 141 -19.28 9.39 17.15
C ALA B 141 -18.84 10.54 16.23
N GLU B 142 -18.06 11.49 16.76
CA GLU B 142 -17.64 12.65 15.98
C GLU B 142 -16.57 12.29 14.94
N LEU B 143 -15.51 11.62 15.38
CA LEU B 143 -14.37 11.35 14.49
C LEU B 143 -14.67 10.27 13.44
N ILE B 144 -15.36 9.19 13.85
CA ILE B 144 -15.74 8.12 12.95
C ILE B 144 -16.97 8.56 12.14
N GLY B 145 -17.94 9.20 12.80
CA GLY B 145 -19.11 9.76 12.12
C GLY B 145 -18.78 10.66 10.93
N THR B 146 -18.07 11.76 11.19
CA THR B 146 -17.76 12.76 10.14
C THR B 146 -16.89 12.19 9.04
N ASN B 147 -15.82 11.52 9.44
CA ASN B 147 -14.86 11.00 8.46
C ASN B 147 -15.26 9.73 7.71
N ALA B 148 -16.23 8.97 8.23
CA ALA B 148 -16.52 7.65 7.64
C ALA B 148 -18.02 7.28 7.55
N ILE B 149 -18.73 7.36 8.67
CA ILE B 149 -20.13 6.95 8.70
C ILE B 149 -21.01 7.88 7.86
N ALA B 150 -20.92 9.18 8.11
CA ALA B 150 -21.62 10.15 7.27
C ALA B 150 -21.31 9.97 5.77
N PRO B 151 -20.00 9.94 5.37
CA PRO B 151 -19.74 9.61 3.95
C PRO B 151 -20.42 8.33 3.43
N PHE B 152 -20.48 7.28 4.22
CA PHE B 152 -21.18 6.04 3.85
C PHE B 152 -22.70 6.26 3.67
N LEU B 153 -23.33 6.97 4.61
CA LEU B 153 -24.76 7.21 4.53
C LEU B 153 -25.14 8.10 3.36
N LEU B 154 -24.32 9.12 3.14
CA LEU B 154 -24.53 10.04 2.03
C LEU B 154 -24.37 9.34 0.67
N THR B 155 -23.40 8.43 0.59
CA THR B 155 -23.20 7.52 -0.57
C THR B 155 -24.41 6.63 -0.81
N MET B 156 -24.94 6.00 0.24
CA MET B 156 -26.16 5.22 0.09
C MET B 156 -27.30 6.07 -0.45
N SER B 157 -27.51 7.23 0.15
CA SER B 157 -28.56 8.15 -0.24
C SER B 157 -28.35 8.71 -1.65
N PHE B 158 -27.13 9.10 -1.98
CA PHE B 158 -26.76 9.57 -3.31
C PHE B 158 -27.11 8.50 -4.38
N ALA B 159 -26.61 7.28 -4.16
CA ALA B 159 -26.88 6.13 -5.05
C ALA B 159 -28.35 5.74 -5.13
N GLN B 160 -29.00 5.64 -3.97
CA GLN B 160 -30.41 5.28 -3.92
C GLN B 160 -31.27 6.25 -4.75
N ARG B 161 -30.88 7.51 -4.79
CA ARG B 161 -31.60 8.54 -5.55
C ARG B 161 -31.37 8.56 -7.07
N GLN B 162 -30.37 7.82 -7.55
CA GLN B 162 -30.05 7.80 -8.97
C GLN B 162 -30.84 6.71 -9.71
N ASN B 173 -22.20 11.38 -15.99
CA ASN B 173 -21.03 11.78 -15.21
C ASN B 173 -21.34 12.00 -13.71
N LEU B 174 -21.76 10.93 -13.06
CA LEU B 174 -22.04 10.91 -11.62
C LEU B 174 -20.77 10.48 -10.93
N SER B 175 -20.43 11.16 -9.84
CA SER B 175 -19.27 10.76 -9.04
C SER B 175 -19.26 11.28 -7.60
N ILE B 176 -18.49 10.57 -6.79
CA ILE B 176 -18.28 10.94 -5.41
C ILE B 176 -16.77 11.20 -5.22
N VAL B 177 -16.45 12.29 -4.54
CA VAL B 177 -15.06 12.48 -4.13
C VAL B 177 -15.02 12.52 -2.61
N ASN B 178 -14.21 11.62 -2.04
CA ASN B 178 -13.93 11.65 -0.61
C ASN B 178 -12.62 12.35 -0.29
N LEU B 179 -12.65 13.25 0.68
CA LEU B 179 -11.43 13.87 1.19
C LEU B 179 -10.71 13.00 2.22
N CYS B 180 -9.59 12.42 1.81
CA CYS B 180 -8.86 11.44 2.61
C CYS B 180 -7.68 12.14 3.28
N ASP B 181 -6.52 11.48 3.41
CA ASP B 181 -5.37 12.06 4.06
C ASP B 181 -4.08 11.33 3.62
N ALA B 182 -3.14 12.07 3.03
CA ALA B 182 -1.92 11.47 2.50
C ALA B 182 -1.06 10.83 3.58
N MET B 183 -1.30 11.21 4.83
CA MET B 183 -0.45 10.76 5.92
C MET B 183 -1.01 9.58 6.75
N VAL B 184 -1.99 8.87 6.20
CA VAL B 184 -2.63 7.72 6.89
C VAL B 184 -1.72 6.56 7.33
N ASP B 185 -0.63 6.35 6.62
CA ASP B 185 0.33 5.29 6.96
C ASP B 185 1.43 5.80 7.90
N GLN B 186 1.51 7.12 8.14
CA GLN B 186 2.44 7.66 9.11
C GLN B 186 1.68 8.62 9.99
N PRO B 187 0.78 8.10 10.85
CA PRO B 187 -0.22 8.99 11.45
C PRO B 187 0.32 9.97 12.50
N CSX B 188 -0.43 11.04 12.77
CA CSX B 188 -0.14 11.94 13.87
CB CSX B 188 -1.18 13.07 13.92
SG CSX B 188 -1.16 14.22 12.50
C CSX B 188 -0.18 11.17 15.18
O CSX B 188 -1.11 10.39 15.40
OD CSX B 188 0.21 15.19 12.95
N MET B 189 0.80 11.38 16.05
CA MET B 189 0.83 10.76 17.38
C MET B 189 -0.45 11.05 18.19
N ALA B 190 -1.07 10.00 18.75
CA ALA B 190 -2.31 10.15 19.57
C ALA B 190 -3.59 10.61 18.81
N PHE B 191 -3.60 10.35 17.51
CA PHE B 191 -4.80 10.57 16.68
C PHE B 191 -5.38 9.24 16.20
N SER B 192 -5.47 8.25 17.08
CA SER B 192 -5.97 6.93 16.66
CA SER B 192 -5.99 6.92 16.70
C SER B 192 -7.39 6.97 16.04
N LEU B 193 -8.34 7.67 16.65
CA LEU B 193 -9.70 7.67 16.12
C LEU B 193 -9.85 8.41 14.79
N TYR B 194 -9.21 9.58 14.70
CA TYR B 194 -9.12 10.30 13.43
C TYR B 194 -8.52 9.40 12.36
N ASN B 195 -7.40 8.73 12.69
CA ASN B 195 -6.72 7.86 11.73
C ASN B 195 -7.59 6.66 11.33
N MET B 196 -8.27 6.09 12.32
CA MET B 196 -9.24 5.04 12.06
C MET B 196 -10.34 5.51 11.10
N GLY B 197 -10.85 6.72 11.34
CA GLY B 197 -11.84 7.35 10.48
C GLY B 197 -11.37 7.51 9.06
N LYS B 198 -10.15 8.03 8.87
CA LYS B 198 -9.63 8.24 7.51
C LYS B 198 -9.31 6.91 6.81
N HIS B 199 -8.81 5.94 7.56
CA HIS B 199 -8.62 4.58 7.03
C HIS B 199 -9.94 3.98 6.58
N ALA B 200 -10.99 4.16 7.39
CA ALA B 200 -12.32 3.67 7.07
C ALA B 200 -12.82 4.31 5.78
N LEU B 201 -12.50 5.59 5.60
CA LEU B 201 -12.90 6.33 4.40
C LEU B 201 -12.26 5.81 3.11
N VAL B 202 -11.03 5.31 3.22
CA VAL B 202 -10.35 4.63 2.10
C VAL B 202 -11.08 3.35 1.75
N GLY B 203 -11.40 2.58 2.78
CA GLY B 203 -12.22 1.40 2.65
C GLY B 203 -13.54 1.66 1.94
N LEU B 204 -14.25 2.70 2.36
CA LEU B 204 -15.49 3.10 1.69
C LEU B 204 -15.27 3.47 0.23
N THR B 205 -14.24 4.29 -0.03
CA THR B 205 -13.89 4.68 -1.41
C THR B 205 -13.75 3.45 -2.31
N GLN B 206 -12.95 2.48 -1.88
CA GLN B 206 -12.80 1.22 -2.65
C GLN B 206 -14.09 0.40 -2.77
N SER B 207 -14.76 0.15 -1.65
CA SER B 207 -16.00 -0.62 -1.65
C SER B 207 -17.10 -0.02 -2.54
N ALA B 208 -17.32 1.30 -2.41
CA ALA B 208 -18.33 2.01 -3.22
C ALA B 208 -17.96 2.09 -4.69
N ALA B 209 -16.68 2.33 -4.98
CA ALA B 209 -16.20 2.29 -6.37
C ALA B 209 -16.60 0.99 -7.06
N LEU B 210 -16.35 -0.14 -6.38
CA LEU B 210 -16.68 -1.46 -6.88
C LEU B 210 -18.19 -1.67 -7.03
N GLU B 211 -18.94 -1.33 -5.99
CA GLU B 211 -20.38 -1.59 -5.93
C GLU B 211 -21.22 -0.68 -6.83
N LEU B 212 -20.78 0.57 -6.99
CA LEU B 212 -21.54 1.54 -7.78
C LEU B 212 -21.12 1.66 -9.25
N ALA B 213 -20.02 1.02 -9.63
CA ALA B 213 -19.60 1.03 -11.04
C ALA B 213 -20.69 0.57 -12.02
N PRO B 214 -21.41 -0.54 -11.72
CA PRO B 214 -22.57 -0.90 -12.56
C PRO B 214 -23.58 0.22 -12.81
N TYR B 215 -23.77 1.12 -11.85
CA TYR B 215 -24.69 2.26 -12.04
C TYR B 215 -23.98 3.47 -12.73
N GLY B 216 -22.71 3.30 -13.09
CA GLY B 216 -21.94 4.38 -13.72
C GLY B 216 -21.52 5.49 -12.76
N ILE B 217 -21.58 5.19 -11.46
CA ILE B 217 -21.12 6.14 -10.45
C ILE B 217 -19.67 5.87 -10.12
N ARG B 218 -18.81 6.85 -10.37
CA ARG B 218 -17.39 6.77 -9.99
C ARG B 218 -17.16 7.26 -8.55
N VAL B 219 -16.26 6.61 -7.83
CA VAL B 219 -15.96 6.97 -6.43
C VAL B 219 -14.45 7.08 -6.26
N ASN B 220 -13.99 8.28 -5.88
CA ASN B 220 -12.57 8.57 -5.74
C ASN B 220 -12.22 9.38 -4.51
N GLY B 221 -10.93 9.57 -4.30
CA GLY B 221 -10.43 10.34 -3.17
C GLY B 221 -9.37 11.34 -3.55
N VAL B 222 -9.35 12.42 -2.78
CA VAL B 222 -8.23 13.35 -2.78
C VAL B 222 -7.65 13.32 -1.39
N ALA B 223 -6.35 13.08 -1.30
CA ALA B 223 -5.61 12.99 -0.04
C ALA B 223 -4.58 14.16 0.11
N PRO B 224 -4.97 15.21 0.82
CA PRO B 224 -4.03 16.29 1.15
C PRO B 224 -2.99 15.76 2.13
N GLY B 225 -1.77 16.29 2.04
CA GLY B 225 -0.76 16.07 3.08
C GLY B 225 -0.99 17.16 4.10
N VAL B 226 -0.28 18.26 3.92
CA VAL B 226 -0.56 19.46 4.67
CA VAL B 226 -0.52 19.48 4.68
C VAL B 226 -1.06 20.57 3.75
N SER B 227 -2.25 21.04 4.06
CA SER B 227 -2.85 22.16 3.37
C SER B 227 -3.08 23.28 4.42
N LEU B 228 -4.11 24.09 4.22
CA LEU B 228 -4.49 25.12 5.18
C LEU B 228 -4.33 24.62 6.61
N LEU B 229 -3.45 25.30 7.33
CA LEU B 229 -3.09 24.99 8.70
C LEU B 229 -4.01 25.75 9.67
N PRO B 230 -4.13 25.27 10.93
CA PRO B 230 -5.01 25.97 11.86
C PRO B 230 -4.67 27.47 11.98
N VAL B 231 -5.72 28.28 12.05
CA VAL B 231 -5.66 29.75 12.20
C VAL B 231 -4.69 30.20 13.32
N ALA B 232 -4.90 29.64 14.51
CA ALA B 232 -4.22 30.03 15.75
C ALA B 232 -2.80 29.45 15.90
N MET B 233 -2.47 28.46 15.07
CA MET B 233 -1.16 27.80 15.10
C MET B 233 -0.07 28.85 14.93
N GLY B 234 0.93 28.83 15.81
CA GLY B 234 2.04 29.76 15.72
C GLY B 234 2.80 29.58 14.42
N GLU B 235 3.22 30.69 13.82
CA GLU B 235 3.92 30.68 12.53
C GLU B 235 5.12 29.77 12.60
N GLU B 236 5.74 29.72 13.78
CA GLU B 236 6.92 28.88 13.99
C GLU B 236 6.58 27.38 13.91
N GLU B 237 5.41 26.98 14.43
CA GLU B 237 4.95 25.59 14.28
C GLU B 237 4.51 25.26 12.82
N LYS B 238 3.78 26.20 12.19
CA LYS B 238 3.37 26.09 10.78
C LYS B 238 4.59 25.87 9.91
N ASP B 239 5.64 26.64 10.22
CA ASP B 239 6.91 26.57 9.53
C ASP B 239 7.63 25.24 9.70
N LYS B 240 7.47 24.60 10.87
CA LYS B 240 7.99 23.24 11.07
C LYS B 240 7.42 22.27 10.05
N TRP B 241 6.14 22.44 9.73
CA TRP B 241 5.44 21.56 8.79
C TRP B 241 5.78 21.92 7.36
N ARG B 242 5.76 23.22 7.09
CA ARG B 242 6.14 23.77 5.79
C ARG B 242 7.51 23.32 5.32
N ARG B 243 8.48 23.34 6.21
CA ARG B 243 9.82 22.93 5.88
C ARG B 243 10.00 21.42 5.56
N LYS B 244 9.05 20.60 6.00
CA LYS B 244 9.03 19.16 5.69
C LYS B 244 8.65 18.84 4.22
N VAL B 245 7.95 19.76 3.57
CA VAL B 245 7.39 19.51 2.24
C VAL B 245 8.47 19.69 1.16
N PRO B 246 8.87 18.59 0.47
CA PRO B 246 9.85 18.70 -0.61
C PRO B 246 9.49 19.77 -1.66
N LEU B 247 8.22 19.82 -2.09
CA LEU B 247 7.86 20.69 -3.20
C LEU B 247 7.47 22.07 -2.73
N GLY B 248 8.48 22.95 -2.68
CA GLY B 248 8.29 24.37 -2.35
C GLY B 248 8.36 24.73 -0.89
N ARG B 249 8.54 23.73 -0.01
CA ARG B 249 8.60 23.99 1.43
C ARG B 249 7.41 24.86 1.90
N ARG B 250 6.21 24.52 1.42
CA ARG B 250 4.94 25.19 1.80
C ARG B 250 3.80 24.17 1.78
N GLU B 251 2.70 24.51 2.45
CA GLU B 251 1.45 23.75 2.42
C GLU B 251 0.65 24.01 1.14
N ALA B 252 -0.26 23.08 0.77
CA ALA B 252 -1.21 23.31 -0.33
C ALA B 252 -2.23 24.40 0.03
N SER B 253 -2.51 25.29 -0.91
CA SER B 253 -3.68 26.14 -0.83
C SER B 253 -4.91 25.25 -0.97
N ALA B 254 -6.03 25.72 -0.46
CA ALA B 254 -7.30 25.01 -0.62
C ALA B 254 -7.61 24.87 -2.10
N GLU B 255 -7.26 25.88 -2.89
CA GLU B 255 -7.53 25.84 -4.36
C GLU B 255 -6.80 24.68 -5.06
N GLN B 256 -5.60 24.38 -4.59
CA GLN B 256 -4.83 23.28 -5.12
C GLN B 256 -5.48 21.93 -4.82
N ILE B 257 -6.01 21.79 -3.60
CA ILE B 257 -6.80 20.62 -3.26
C ILE B 257 -8.05 20.58 -4.15
N ALA B 258 -8.73 21.73 -4.26
CA ALA B 258 -9.97 21.80 -5.06
C ALA B 258 -9.70 21.38 -6.50
N ASP B 259 -8.52 21.75 -7.03
CA ASP B 259 -8.15 21.41 -8.42
C ASP B 259 -8.22 19.89 -8.71
N ALA B 260 -7.83 19.08 -7.74
CA ALA B 260 -7.81 17.63 -7.95
C ALA B 260 -9.23 17.09 -7.88
N VAL B 261 -10.09 17.71 -7.05
CA VAL B 261 -11.51 17.32 -7.01
C VAL B 261 -12.17 17.62 -8.37
N ILE B 262 -11.93 18.81 -8.90
CA ILE B 262 -12.36 19.22 -10.25
C ILE B 262 -11.96 18.21 -11.34
N PHE B 263 -10.72 17.77 -11.35
CA PHE B 263 -10.28 16.74 -12.30
C PHE B 263 -11.10 15.44 -12.14
N LEU B 264 -11.29 14.98 -10.91
CA LEU B 264 -11.97 13.71 -10.66
C LEU B 264 -13.44 13.67 -11.09
N VAL B 265 -14.12 14.82 -11.02
CA VAL B 265 -15.51 14.90 -11.39
C VAL B 265 -15.73 15.24 -12.86
N SER B 266 -14.64 15.53 -13.58
CA SER B 266 -14.71 15.99 -14.96
C SER B 266 -14.70 14.81 -15.91
N GLY B 267 -15.03 15.10 -17.17
CA GLY B 267 -15.03 14.12 -18.27
C GLY B 267 -13.66 13.53 -18.57
N SER B 268 -12.61 14.20 -18.09
CA SER B 268 -11.21 13.73 -18.24
C SER B 268 -10.85 12.64 -17.26
N ALA B 269 -11.80 12.26 -16.39
CA ALA B 269 -11.56 11.24 -15.39
C ALA B 269 -12.58 10.13 -15.52
N GLN B 270 -13.14 9.98 -16.72
CA GLN B 270 -14.30 9.10 -16.90
C GLN B 270 -14.06 7.62 -16.70
N TYR B 271 -12.79 7.21 -16.72
CA TYR B 271 -12.43 5.80 -16.48
C TYR B 271 -11.85 5.62 -15.08
N ILE B 272 -11.81 6.70 -14.32
CA ILE B 272 -11.13 6.65 -13.03
C ILE B 272 -12.15 6.42 -11.91
N THR B 273 -11.97 5.31 -11.19
CA THR B 273 -12.78 5.02 -10.00
C THR B 273 -11.98 4.15 -9.02
N GLY B 274 -12.28 4.32 -7.73
CA GLY B 274 -11.48 3.73 -6.66
C GLY B 274 -10.03 4.22 -6.57
N SER B 275 -9.75 5.42 -7.09
CA SER B 275 -8.40 5.97 -7.06
C SER B 275 -8.33 7.09 -6.05
N ILE B 276 -7.21 7.15 -5.32
CA ILE B 276 -7.00 8.21 -4.35
C ILE B 276 -5.77 8.98 -4.81
N ILE B 277 -5.99 10.24 -5.19
CA ILE B 277 -4.93 11.08 -5.70
C ILE B 277 -4.31 11.89 -4.52
N LYS B 278 -3.04 11.63 -4.20
CA LYS B 278 -2.29 12.41 -3.20
C LYS B 278 -2.00 13.79 -3.75
N VAL B 279 -2.30 14.83 -2.96
CA VAL B 279 -1.97 16.24 -3.32
C VAL B 279 -1.16 16.77 -2.13
N ASP B 280 0.10 16.32 -2.07
CA ASP B 280 0.91 16.48 -0.86
C ASP B 280 2.33 17.02 -1.04
N GLY B 281 2.70 17.40 -2.26
CA GLY B 281 4.02 18.04 -2.45
C GLY B 281 5.18 17.10 -2.08
N GLY B 282 4.90 15.80 -2.06
CA GLY B 282 5.91 14.79 -1.74
C GLY B 282 6.10 14.55 -0.25
N LEU B 283 5.24 15.10 0.59
CA LEU B 283 5.38 14.96 2.05
C LEU B 283 5.36 13.49 2.59
N SER B 284 4.49 12.66 2.04
CA SER B 284 4.34 11.29 2.49
C SER B 284 5.54 10.41 2.11
N LEU B 285 6.40 10.95 1.24
CA LEU B 285 7.60 10.26 0.79
C LEU B 285 8.80 10.54 1.69
N VAL B 286 8.62 11.46 2.65
CA VAL B 286 9.77 11.88 3.50
C VAL B 286 9.84 10.99 4.75
N HIS B 287 10.95 10.27 4.90
CA HIS B 287 11.20 9.48 6.10
C HIS B 287 11.44 10.35 7.33
N ALA B 288 11.19 9.80 8.53
CA ALA B 288 11.48 10.49 9.79
C ALA B 288 12.96 10.82 9.87
N GLU C 22 16.59 -37.01 6.33
CA GLU C 22 17.66 -36.29 7.08
C GLU C 22 17.51 -34.74 7.01
N ALA C 23 18.63 -34.02 7.08
CA ALA C 23 18.66 -32.57 7.30
C ALA C 23 18.31 -31.70 6.07
N PRO C 24 17.43 -30.69 6.22
CA PRO C 24 17.20 -29.81 5.08
C PRO C 24 18.42 -28.89 4.90
N ALA C 25 18.47 -28.17 3.76
CA ALA C 25 19.64 -27.38 3.35
C ALA C 25 19.22 -26.01 2.86
N ALA C 26 19.97 -24.97 3.22
CA ALA C 26 19.65 -23.59 2.87
C ALA C 26 20.80 -22.92 2.16
N VAL C 27 20.47 -22.06 1.20
CA VAL C 27 21.47 -21.15 0.62
C VAL C 27 21.24 -19.76 1.22
N VAL C 28 22.30 -19.17 1.78
CA VAL C 28 22.27 -17.77 2.26
C VAL C 28 23.28 -16.99 1.45
N THR C 29 22.79 -16.05 0.65
CA THR C 29 23.71 -15.16 -0.08
C THR C 29 24.21 -14.06 0.86
N GLY C 30 25.41 -13.55 0.59
CA GLY C 30 26.06 -12.58 1.45
C GLY C 30 26.09 -12.96 2.93
N ALA C 31 26.45 -14.22 3.21
CA ALA C 31 26.35 -14.81 4.55
C ALA C 31 27.60 -14.70 5.45
N ALA C 32 28.66 -14.03 5.00
CA ALA C 32 29.90 -14.03 5.79
C ALA C 32 29.81 -13.12 7.01
N LYS C 33 28.99 -12.06 6.91
CA LYS C 33 28.98 -11.04 7.94
C LYS C 33 27.56 -10.55 8.27
N ARG C 34 27.45 -9.87 9.40
CA ARG C 34 26.31 -9.03 9.72
C ARG C 34 25.00 -9.82 9.67
N ILE C 35 23.98 -9.35 8.93
CA ILE C 35 22.64 -9.99 8.98
C ILE C 35 22.61 -11.39 8.33
N GLY C 36 23.30 -11.51 7.20
CA GLY C 36 23.50 -12.79 6.50
C GLY C 36 24.13 -13.87 7.36
N ARG C 37 25.18 -13.51 8.11
CA ARG C 37 25.84 -14.44 9.04
C ARG C 37 24.88 -14.92 10.12
N ALA C 38 24.21 -13.97 10.76
CA ALA C 38 23.18 -14.27 11.76
C ALA C 38 22.05 -15.22 11.25
N ILE C 39 21.59 -14.99 10.02
CA ILE C 39 20.65 -15.90 9.38
C ILE C 39 21.23 -17.31 9.19
N ALA C 40 22.45 -17.40 8.67
CA ALA C 40 23.07 -18.69 8.49
C ALA C 40 23.25 -19.41 9.81
N VAL C 41 23.73 -18.70 10.83
CA VAL C 41 23.94 -19.32 12.14
C VAL C 41 22.61 -19.85 12.70
N LYS C 42 21.59 -18.98 12.72
CA LYS C 42 20.26 -19.38 13.20
C LYS C 42 19.66 -20.56 12.37
N LEU C 43 19.77 -20.55 11.03
CA LEU C 43 19.36 -21.72 10.25
C LEU C 43 20.10 -23.01 10.68
N HIS C 44 21.41 -22.93 10.80
CA HIS C 44 22.23 -24.04 11.24
C HIS C 44 21.80 -24.57 12.62
N GLN C 45 21.59 -23.64 13.55
CA GLN C 45 21.10 -23.98 14.91
C GLN C 45 19.74 -24.67 14.88
N THR C 46 18.90 -24.28 13.93
CA THR C 46 17.60 -24.94 13.72
C THR C 46 17.68 -26.33 13.11
N GLY C 47 18.83 -26.68 12.52
CA GLY C 47 19.00 -28.01 11.94
C GLY C 47 19.39 -28.05 10.47
N TYR C 48 19.46 -26.88 9.83
CA TYR C 48 19.89 -26.79 8.41
C TYR C 48 21.39 -27.00 8.22
N ARG C 49 21.73 -27.62 7.09
CA ARG C 49 23.05 -27.52 6.49
C ARG C 49 23.05 -26.28 5.62
N VAL C 50 24.15 -25.55 5.58
CA VAL C 50 24.15 -24.24 4.93
C VAL C 50 25.22 -24.01 3.86
N VAL C 51 24.81 -23.37 2.77
CA VAL C 51 25.76 -22.80 1.85
C VAL C 51 25.88 -21.35 2.20
N ILE C 52 27.09 -20.98 2.61
CA ILE C 52 27.49 -19.62 2.95
C ILE C 52 28.06 -19.00 1.68
N HIS C 53 27.25 -18.20 0.98
CA HIS C 53 27.77 -17.52 -0.21
C HIS C 53 28.50 -16.25 0.26
N TYR C 54 29.53 -15.85 -0.48
CA TYR C 54 30.31 -14.65 -0.22
C TYR C 54 30.85 -14.12 -1.56
N HIS C 55 31.22 -12.85 -1.59
CA HIS C 55 31.85 -12.26 -2.75
C HIS C 55 33.29 -11.92 -2.39
N ASN C 56 33.47 -10.92 -1.54
CA ASN C 56 34.80 -10.44 -1.12
C ASN C 56 35.27 -11.00 0.22
N SER C 57 34.33 -11.48 1.05
CA SER C 57 34.66 -11.85 2.45
C SER C 57 34.97 -13.32 2.65
N ALA C 58 35.99 -13.81 1.94
CA ALA C 58 36.38 -15.24 2.01
C ALA C 58 36.86 -15.68 3.38
N GLU C 59 37.68 -14.86 4.03
CA GLU C 59 38.22 -15.21 5.36
C GLU C 59 37.08 -15.38 6.36
N ALA C 60 36.17 -14.41 6.37
CA ALA C 60 34.96 -14.47 7.23
C ALA C 60 34.01 -15.64 6.92
N ALA C 61 33.86 -15.98 5.63
CA ALA C 61 32.94 -17.06 5.23
C ALA C 61 33.48 -18.42 5.72
N VAL C 62 34.75 -18.64 5.44
CA VAL C 62 35.44 -19.86 5.87
C VAL C 62 35.49 -19.94 7.41
N SER C 63 35.67 -18.80 8.07
CA SER C 63 35.62 -18.73 9.53
C SER C 63 34.25 -19.14 10.10
N LEU C 64 33.18 -18.70 9.46
CA LEU C 64 31.80 -19.10 9.80
C LEU C 64 31.64 -20.61 9.58
N ALA C 65 32.05 -21.10 8.40
CA ALA C 65 31.95 -22.51 8.09
C ALA C 65 32.71 -23.34 9.13
N ASP C 66 33.91 -22.88 9.51
CA ASP C 66 34.74 -23.62 10.48
C ASP C 66 33.98 -23.80 11.82
N GLU C 67 33.36 -22.72 12.29
CA GLU C 67 32.58 -22.72 13.52
C GLU C 67 31.34 -23.62 13.44
N LEU C 68 30.59 -23.52 12.34
CA LEU C 68 29.44 -24.38 12.11
C LEU C 68 29.83 -25.86 11.96
N ASN C 69 30.92 -26.16 11.26
CA ASN C 69 31.33 -27.55 11.09
C ASN C 69 31.93 -28.18 12.35
N LYS C 70 32.55 -27.35 13.17
CA LYS C 70 33.03 -27.72 14.49
C LYS C 70 31.86 -28.24 15.31
N GLU C 71 30.72 -27.54 15.20
CA GLU C 71 29.48 -27.95 15.85
C GLU C 71 28.91 -29.28 15.31
N ARG C 72 28.73 -29.40 14.00
CA ARG C 72 28.30 -30.64 13.35
C ARG C 72 29.10 -30.81 12.07
N SER C 73 29.79 -31.95 11.94
CA SER C 73 30.65 -32.21 10.77
C SER C 73 29.92 -32.13 9.43
N ASN C 74 30.57 -31.45 8.48
CA ASN C 74 30.14 -31.37 7.10
C ASN C 74 28.69 -30.88 6.95
N THR C 75 28.38 -29.80 7.66
CA THR C 75 27.06 -29.17 7.58
C THR C 75 27.10 -27.72 7.06
N ALA C 76 28.27 -27.31 6.56
CA ALA C 76 28.43 -25.95 6.06
C ALA C 76 29.52 -25.91 4.99
N VAL C 77 29.19 -25.30 3.87
CA VAL C 77 30.16 -25.10 2.80
C VAL C 77 30.12 -23.64 2.38
N VAL C 78 31.18 -23.17 1.76
CA VAL C 78 31.24 -21.80 1.24
C VAL C 78 31.07 -21.79 -0.29
N CYS C 79 30.62 -20.67 -0.83
CA CYS C 79 30.46 -20.56 -2.26
C CYS C 79 30.75 -19.13 -2.70
N GLN C 80 31.76 -18.92 -3.57
CA GLN C 80 32.08 -17.59 -4.07
C GLN C 80 31.30 -17.24 -5.34
N ALA C 81 30.76 -16.02 -5.39
CA ALA C 81 30.19 -15.45 -6.64
C ALA C 81 29.99 -13.94 -6.56
N ASP C 82 30.32 -13.25 -7.65
CA ASP C 82 29.91 -11.88 -7.83
C ASP C 82 28.45 -11.95 -8.28
N LEU C 83 27.56 -11.21 -7.60
CA LEU C 83 26.13 -11.14 -7.96
C LEU C 83 25.74 -9.83 -8.68
N THR C 84 26.76 -9.07 -9.08
CA THR C 84 26.59 -7.98 -10.05
C THR C 84 25.98 -8.54 -11.36
N ASN C 85 25.00 -7.84 -11.96
CA ASN C 85 24.47 -8.34 -13.22
C ASN C 85 25.56 -8.31 -14.29
N SER C 86 25.56 -9.35 -15.14
CA SER C 86 26.44 -9.46 -16.32
C SER C 86 25.97 -10.63 -17.18
N ASN C 87 26.63 -10.82 -18.32
CA ASN C 87 26.39 -12.00 -19.19
C ASN C 87 26.58 -13.35 -18.49
N VAL C 88 27.46 -13.39 -17.47
CA VAL C 88 27.76 -14.60 -16.68
C VAL C 88 26.97 -14.76 -15.38
N LEU C 89 26.20 -13.75 -14.98
CA LEU C 89 25.40 -13.88 -13.75
C LEU C 89 24.50 -15.11 -13.70
N PRO C 90 23.74 -15.42 -14.78
CA PRO C 90 22.87 -16.61 -14.73
C PRO C 90 23.59 -17.92 -14.42
N ALA C 91 24.75 -18.16 -15.05
CA ALA C 91 25.66 -19.27 -14.72
C ALA C 91 26.12 -19.23 -13.28
N SER C 92 26.53 -18.05 -12.79
CA SER C 92 26.93 -17.90 -11.38
C SER C 92 25.80 -18.31 -10.43
N CYS C 93 24.58 -17.90 -10.75
CA CYS C 93 23.41 -18.23 -9.94
C CYS C 93 23.05 -19.71 -10.02
N GLU C 94 23.15 -20.29 -11.23
CA GLU C 94 22.93 -21.71 -11.36
C GLU C 94 23.90 -22.51 -10.47
N GLU C 95 25.14 -22.04 -10.40
CA GLU C 95 26.21 -22.75 -9.68
C GLU C 95 26.08 -22.62 -8.17
N ILE C 96 25.56 -21.49 -7.68
CA ILE C 96 25.27 -21.36 -6.23
C ILE C 96 24.24 -22.42 -5.80
N ILE C 97 23.16 -22.57 -6.58
CA ILE C 97 22.14 -23.59 -6.32
C ILE C 97 22.70 -25.03 -6.45
N ASN C 98 23.43 -25.24 -7.54
CA ASN C 98 24.12 -26.49 -7.80
C ASN C 98 25.05 -26.87 -6.66
N SER C 99 25.72 -25.88 -6.08
CA SER C 99 26.68 -26.15 -5.01
C SER C 99 25.98 -26.68 -3.73
N CYS C 100 24.72 -26.29 -3.53
CA CYS C 100 23.88 -26.86 -2.45
C CYS C 100 23.49 -28.33 -2.68
N PHE C 101 23.00 -28.63 -3.88
CA PHE C 101 22.75 -30.02 -4.30
C PHE C 101 24.01 -30.90 -4.23
N ARG C 102 25.13 -30.35 -4.70
CA ARG C 102 26.44 -31.00 -4.64
C ARG C 102 26.84 -31.36 -3.21
N ALA C 103 26.78 -30.39 -2.31
CA ALA C 103 27.18 -30.61 -0.93
C ALA C 103 26.19 -31.51 -0.18
N PHE C 104 24.90 -31.29 -0.38
CA PHE C 104 23.92 -31.82 0.56
C PHE C 104 22.82 -32.68 -0.08
N GLY C 105 22.74 -32.67 -1.41
CA GLY C 105 21.81 -33.56 -2.15
C GLY C 105 20.39 -33.01 -2.26
N ARG C 106 20.21 -31.77 -1.81
CA ARG C 106 18.92 -31.11 -1.72
C ARG C 106 19.12 -29.60 -1.50
N CYS C 107 18.08 -28.83 -1.77
CA CYS C 107 18.08 -27.40 -1.49
C CYS C 107 16.63 -27.01 -1.15
N ASP C 108 16.41 -26.77 0.13
CA ASP C 108 15.05 -26.52 0.64
C ASP C 108 14.72 -25.03 0.77
N VAL C 109 15.74 -24.23 1.08
CA VAL C 109 15.56 -22.83 1.41
C VAL C 109 16.60 -21.98 0.67
N LEU C 110 16.13 -20.90 0.05
CA LEU C 110 17.00 -19.87 -0.47
C LEU C 110 16.69 -18.57 0.26
N VAL C 111 17.74 -17.94 0.78
CA VAL C 111 17.65 -16.62 1.43
C VAL C 111 18.42 -15.62 0.57
N ASN C 112 17.69 -14.65 -0.01
CA ASN C 112 18.31 -13.63 -0.84
C ASN C 112 18.66 -12.41 0.04
N ASN C 113 19.89 -12.40 0.53
CA ASN C 113 20.32 -11.45 1.49
C ASN C 113 21.38 -10.47 0.94
N ALA C 114 22.29 -10.96 0.10
CA ALA C 114 23.35 -10.11 -0.47
C ALA C 114 22.80 -8.83 -1.13
N SER C 115 23.53 -7.73 -0.97
CA SER C 115 22.95 -6.45 -1.31
C SER C 115 23.98 -5.32 -1.36
N ALA C 116 24.06 -4.63 -2.50
CA ALA C 116 24.86 -3.43 -2.65
C ALA C 116 24.03 -2.24 -2.20
N PHE C 117 24.68 -1.27 -1.56
CA PHE C 117 23.94 -0.18 -0.94
C PHE C 117 24.81 1.04 -0.90
N TYR C 118 24.43 2.02 -1.73
CA TYR C 118 25.15 3.29 -1.78
C TYR C 118 24.34 4.25 -2.66
N PRO C 119 24.61 5.57 -2.53
CA PRO C 119 23.79 6.54 -3.27
C PRO C 119 24.18 6.67 -4.74
N THR C 120 23.22 7.13 -5.54
CA THR C 120 23.39 7.35 -6.97
C THR C 120 22.57 8.61 -7.30
N PRO C 121 23.15 9.81 -7.04
CA PRO C 121 22.42 11.08 -7.23
C PRO C 121 21.95 11.22 -8.67
N LEU C 122 20.75 11.77 -8.87
CA LEU C 122 20.25 12.03 -10.25
C LEU C 122 20.89 13.24 -10.90
N VAL C 123 21.38 14.17 -10.08
CA VAL C 123 21.96 15.40 -10.61
C VAL C 123 23.42 15.48 -10.19
N GLY C 133 35.38 5.70 -8.95
CA GLY C 133 34.55 6.26 -10.02
C GLY C 133 33.87 5.18 -10.86
N LYS C 134 32.78 4.61 -10.34
CA LYS C 134 31.95 3.68 -11.10
C LYS C 134 31.12 4.45 -12.11
N THR C 135 30.99 3.88 -13.31
CA THR C 135 30.05 4.39 -14.31
C THR C 135 28.64 4.17 -13.77
N VAL C 136 27.68 4.93 -14.31
CA VAL C 136 26.31 4.75 -13.87
C VAL C 136 25.86 3.33 -14.21
N GLU C 137 26.27 2.79 -15.37
CA GLU C 137 25.90 1.41 -15.75
C GLU C 137 26.50 0.31 -14.84
N THR C 138 27.70 0.56 -14.31
CA THR C 138 28.24 -0.33 -13.25
C THR C 138 27.37 -0.31 -12.00
N GLN C 139 27.01 0.89 -11.56
CA GLN C 139 26.13 1.05 -10.40
C GLN C 139 24.78 0.34 -10.65
N VAL C 140 24.19 0.53 -11.83
CA VAL C 140 23.00 -0.22 -12.24
C VAL C 140 23.22 -1.73 -12.09
N ALA C 141 24.35 -2.21 -12.65
CA ALA C 141 24.67 -3.63 -12.62
C ALA C 141 24.80 -4.15 -11.18
N GLU C 142 25.46 -3.39 -10.33
CA GLU C 142 25.66 -3.77 -8.93
C GLU C 142 24.38 -3.63 -8.10
N LEU C 143 23.74 -2.46 -8.16
CA LEU C 143 22.57 -2.18 -7.31
C LEU C 143 21.31 -2.93 -7.74
N ILE C 144 21.00 -2.91 -9.04
CA ILE C 144 19.88 -3.72 -9.52
C ILE C 144 20.23 -5.23 -9.58
N GLY C 145 21.47 -5.55 -9.92
CA GLY C 145 21.92 -6.94 -9.94
C GLY C 145 21.86 -7.65 -8.59
N THR C 146 22.53 -7.12 -7.57
CA THR C 146 22.50 -7.80 -6.25
C THR C 146 21.09 -7.84 -5.67
N ASN C 147 20.37 -6.73 -5.80
CA ASN C 147 19.09 -6.60 -5.09
C ASN C 147 17.89 -7.22 -5.76
N ALA C 148 18.00 -7.48 -7.06
CA ALA C 148 16.85 -7.91 -7.83
C ALA C 148 17.13 -8.99 -8.86
N ILE C 149 18.11 -8.76 -9.74
CA ILE C 149 18.32 -9.72 -10.84
CA ILE C 149 18.34 -9.71 -10.85
C ILE C 149 18.86 -11.05 -10.34
N ALA C 150 19.85 -11.00 -9.45
CA ALA C 150 20.38 -12.24 -8.87
C ALA C 150 19.31 -13.02 -8.10
N PRO C 151 18.54 -12.34 -7.18
CA PRO C 151 17.39 -13.02 -6.57
C PRO C 151 16.47 -13.68 -7.60
N PHE C 152 16.16 -12.99 -8.70
CA PHE C 152 15.40 -13.57 -9.80
C PHE C 152 16.04 -14.86 -10.40
N LEU C 153 17.34 -14.78 -10.71
CA LEU C 153 18.08 -15.89 -11.29
C LEU C 153 18.23 -17.07 -10.33
N LEU C 154 18.50 -16.76 -9.07
CA LEU C 154 18.61 -17.79 -8.03
C LEU C 154 17.26 -18.46 -7.79
N THR C 155 16.20 -17.65 -7.85
CA THR C 155 14.83 -18.16 -7.73
C THR C 155 14.52 -19.13 -8.86
N MET C 156 14.81 -18.71 -10.09
CA MET C 156 14.77 -19.59 -11.26
C MET C 156 15.53 -20.91 -11.09
N SER C 157 16.82 -20.84 -10.77
CA SER C 157 17.60 -22.07 -10.58
C SER C 157 17.06 -22.94 -9.43
N PHE C 158 16.67 -22.29 -8.33
CA PHE C 158 16.10 -22.98 -7.16
C PHE C 158 14.86 -23.79 -7.55
N ALA C 159 13.94 -23.15 -8.24
CA ALA C 159 12.68 -23.77 -8.69
C ALA C 159 12.90 -24.84 -9.78
N GLN C 160 13.81 -24.56 -10.72
CA GLN C 160 14.15 -25.49 -11.79
C GLN C 160 14.63 -26.85 -11.27
N ARG C 161 15.43 -26.82 -10.21
CA ARG C 161 16.05 -28.03 -9.66
C ARG C 161 15.13 -28.81 -8.71
N GLN C 162 13.91 -28.36 -8.51
CA GLN C 162 12.99 -29.07 -7.63
C GLN C 162 12.08 -30.02 -8.41
N ASN C 173 9.26 -28.89 2.82
CA ASN C 173 8.91 -27.50 3.20
C ASN C 173 9.87 -26.48 2.50
N LEU C 174 9.54 -26.17 1.25
CA LEU C 174 10.42 -25.35 0.40
C LEU C 174 9.97 -23.89 0.44
N SER C 175 10.93 -23.00 0.63
CA SER C 175 10.65 -21.56 0.62
C SER C 175 11.85 -20.73 0.25
N ILE C 176 11.54 -19.54 -0.27
CA ILE C 176 12.52 -18.50 -0.49
C ILE C 176 12.19 -17.30 0.43
N VAL C 177 13.22 -16.68 1.01
CA VAL C 177 13.05 -15.45 1.78
C VAL C 177 13.92 -14.36 1.21
N ASN C 178 13.27 -13.26 0.83
CA ASN C 178 13.99 -12.13 0.29
C ASN C 178 14.18 -11.03 1.32
N LEU C 179 15.43 -10.60 1.53
CA LEU C 179 15.67 -9.43 2.37
C LEU C 179 15.34 -8.13 1.62
N CYS C 180 14.26 -7.50 2.06
CA CYS C 180 13.69 -6.33 1.47
C CYS C 180 14.08 -5.10 2.33
N ASP C 181 13.20 -4.11 2.40
CA ASP C 181 13.50 -2.86 3.08
C ASP C 181 12.22 -2.16 3.49
N ALA C 182 12.02 -2.01 4.80
CA ALA C 182 10.82 -1.37 5.37
C ALA C 182 10.67 0.09 4.92
N MET C 183 11.78 0.70 4.49
CA MET C 183 11.77 2.09 4.08
C MET C 183 11.57 2.30 2.56
N VAL C 184 11.08 1.29 1.85
CA VAL C 184 10.84 1.45 0.39
C VAL C 184 9.89 2.60 0.01
N ASP C 185 8.87 2.87 0.83
CA ASP C 185 7.92 3.96 0.54
C ASP C 185 8.35 5.37 0.98
N GLN C 186 9.43 5.45 1.75
CA GLN C 186 10.03 6.72 2.19
C GLN C 186 11.55 6.60 2.07
N PRO C 187 12.06 6.58 0.83
CA PRO C 187 13.43 6.16 0.58
C PRO C 187 14.47 7.20 1.04
N CSX C 188 15.71 6.70 1.25
CA CSX C 188 16.89 7.53 1.51
CB CSX C 188 18.15 6.69 1.68
SG CSX C 188 18.02 5.45 3.01
C CSX C 188 17.10 8.46 0.35
O CSX C 188 16.97 8.04 -0.80
OD CSX C 188 18.06 6.62 4.23
N MET C 189 17.41 9.72 0.62
CA MET C 189 17.61 10.74 -0.41
C MET C 189 18.78 10.40 -1.33
N ALA C 190 18.57 10.50 -2.65
CA ALA C 190 19.62 10.20 -3.65
C ALA C 190 20.03 8.72 -3.76
N PHE C 191 19.11 7.83 -3.36
CA PHE C 191 19.29 6.38 -3.50
C PHE C 191 18.34 5.75 -4.53
N SER C 192 18.10 6.41 -5.66
CA SER C 192 17.14 5.91 -6.64
CA SER C 192 17.16 5.91 -6.68
C SER C 192 17.42 4.47 -7.10
N LEU C 193 18.65 4.17 -7.56
CA LEU C 193 18.92 2.79 -8.03
C LEU C 193 18.73 1.71 -6.97
N TYR C 194 19.30 1.94 -5.77
CA TYR C 194 19.09 1.03 -4.64
C TYR C 194 17.59 0.84 -4.40
N ASN C 195 16.86 1.95 -4.29
CA ASN C 195 15.39 1.91 -4.07
C ASN C 195 14.63 1.21 -5.21
N MET C 196 15.05 1.47 -6.45
CA MET C 196 14.50 0.73 -7.60
C MET C 196 14.71 -0.78 -7.44
N GLY C 197 15.91 -1.17 -6.99
CA GLY C 197 16.30 -2.57 -6.77
C GLY C 197 15.45 -3.25 -5.71
N LYS C 198 15.23 -2.56 -4.59
CA LYS C 198 14.42 -3.12 -3.50
C LYS C 198 12.94 -3.16 -3.88
N HIS C 199 12.49 -2.17 -4.62
CA HIS C 199 11.14 -2.25 -5.23
C HIS C 199 10.97 -3.43 -6.19
N ALA C 200 11.90 -3.63 -7.13
CA ALA C 200 11.84 -4.82 -7.99
C ALA C 200 11.81 -6.13 -7.19
N LEU C 201 12.49 -6.16 -6.03
CA LEU C 201 12.55 -7.34 -5.17
C LEU C 201 11.21 -7.69 -4.54
N VAL C 202 10.48 -6.65 -4.11
CA VAL C 202 9.05 -6.81 -3.72
C VAL C 202 8.24 -7.42 -4.87
N GLY C 203 8.37 -6.84 -6.08
CA GLY C 203 7.76 -7.35 -7.31
C GLY C 203 8.08 -8.82 -7.57
N LEU C 204 9.36 -9.19 -7.47
CA LEU C 204 9.77 -10.61 -7.58
C LEU C 204 9.16 -11.48 -6.50
N THR C 205 9.13 -10.97 -5.27
CA THR C 205 8.58 -11.74 -4.14
C THR C 205 7.13 -12.15 -4.43
N GLN C 206 6.36 -11.18 -4.94
CA GLN C 206 4.94 -11.38 -5.26
C GLN C 206 4.75 -12.23 -6.48
N SER C 207 5.50 -11.93 -7.54
CA SER C 207 5.43 -12.68 -8.78
C SER C 207 5.79 -14.16 -8.58
N ALA C 208 6.87 -14.39 -7.86
CA ALA C 208 7.37 -15.73 -7.59
C ALA C 208 6.47 -16.50 -6.60
N ALA C 209 5.93 -15.81 -5.60
CA ALA C 209 4.95 -16.45 -4.72
C ALA C 209 3.75 -17.01 -5.51
N LEU C 210 3.23 -16.22 -6.46
CA LEU C 210 2.11 -16.65 -7.32
C LEU C 210 2.43 -17.87 -8.20
N GLU C 211 3.53 -17.74 -8.94
CA GLU C 211 3.90 -18.68 -9.99
C GLU C 211 4.43 -20.01 -9.43
N LEU C 212 4.96 -19.95 -8.23
CA LEU C 212 5.66 -21.09 -7.63
C LEU C 212 4.81 -21.78 -6.58
N ALA C 213 3.67 -21.19 -6.25
CA ALA C 213 2.74 -21.84 -5.32
C ALA C 213 2.34 -23.28 -5.69
N PRO C 214 2.00 -23.56 -6.98
CA PRO C 214 1.66 -24.91 -7.45
C PRO C 214 2.75 -25.97 -7.24
N TYR C 215 3.99 -25.50 -7.10
CA TYR C 215 5.13 -26.37 -6.82
C TYR C 215 5.36 -26.57 -5.33
N GLY C 216 4.52 -25.93 -4.52
CA GLY C 216 4.69 -25.95 -3.07
C GLY C 216 5.84 -25.08 -2.56
N ILE C 217 6.35 -24.15 -3.38
CA ILE C 217 7.44 -23.27 -2.95
C ILE C 217 6.86 -21.93 -2.49
N ARG C 218 7.03 -21.64 -1.21
CA ARG C 218 6.59 -20.37 -0.65
C ARG C 218 7.64 -19.29 -0.91
N VAL C 219 7.19 -18.06 -1.17
CA VAL C 219 8.10 -16.93 -1.39
C VAL C 219 7.69 -15.70 -0.55
N ASN C 220 8.58 -15.32 0.37
CA ASN C 220 8.25 -14.30 1.34
C ASN C 220 9.41 -13.32 1.52
N GLY C 221 9.18 -12.27 2.30
CA GLY C 221 10.21 -11.28 2.56
C GLY C 221 10.29 -10.86 4.02
N VAL C 222 11.48 -10.39 4.39
CA VAL C 222 11.71 -9.73 5.66
C VAL C 222 12.25 -8.35 5.32
N ALA C 223 11.61 -7.33 5.87
CA ALA C 223 11.97 -5.94 5.62
C ALA C 223 12.52 -5.27 6.89
N PRO C 224 13.85 -5.23 7.05
CA PRO C 224 14.44 -4.47 8.17
C PRO C 224 14.22 -2.95 7.98
N GLY C 225 14.19 -2.22 9.08
CA GLY C 225 14.21 -0.76 8.99
C GLY C 225 15.65 -0.33 9.14
N VAL C 226 16.03 -0.09 10.39
CA VAL C 226 17.43 0.02 10.74
C VAL C 226 17.82 -1.16 11.61
N SER C 227 18.77 -1.91 11.08
CA SER C 227 19.38 -2.97 11.84
C SER C 227 20.82 -2.51 12.00
N LEU C 228 21.76 -3.45 11.93
CA LEU C 228 23.19 -3.17 11.95
C LEU C 228 23.52 -2.06 10.97
N LEU C 229 23.93 -0.92 11.53
CA LEU C 229 24.19 0.24 10.69
C LEU C 229 25.46 0.01 9.86
N PRO C 230 25.56 0.67 8.68
CA PRO C 230 26.71 0.39 7.80
C PRO C 230 28.03 0.73 8.48
N VAL C 231 29.05 -0.07 8.23
CA VAL C 231 30.37 0.12 8.87
C VAL C 231 30.99 1.48 8.53
N ALA C 232 30.69 1.97 7.33
CA ALA C 232 31.14 3.30 6.84
C ALA C 232 30.46 4.48 7.54
N MET C 233 29.25 4.27 8.04
CA MET C 233 28.46 5.33 8.67
C MET C 233 29.15 5.86 9.94
N GLY C 234 29.16 7.18 10.06
CA GLY C 234 29.72 7.86 11.24
C GLY C 234 28.82 7.66 12.46
N GLU C 235 29.42 7.83 13.63
CA GLU C 235 28.80 7.49 14.91
C GLU C 235 27.58 8.35 15.26
N GLU C 236 27.64 9.63 14.90
CA GLU C 236 26.57 10.57 15.24
C GLU C 236 25.37 10.35 14.34
N GLU C 237 25.65 9.96 13.10
CA GLU C 237 24.60 9.62 12.15
C GLU C 237 23.93 8.29 12.48
N LYS C 238 24.66 7.38 13.11
CA LYS C 238 24.09 6.11 13.62
C LYS C 238 23.09 6.41 14.73
N ASP C 239 23.50 7.25 15.68
CA ASP C 239 22.66 7.66 16.79
C ASP C 239 21.44 8.44 16.34
N LYS C 240 21.56 9.23 15.26
CA LYS C 240 20.43 9.96 14.68
C LYS C 240 19.29 9.01 14.25
N TRP C 241 19.66 7.92 13.58
CA TRP C 241 18.71 6.87 13.17
C TRP C 241 18.11 6.14 14.36
N ARG C 242 18.97 5.72 15.30
CA ARG C 242 18.53 5.04 16.51
C ARG C 242 17.47 5.84 17.23
N ARG C 243 17.68 7.16 17.36
CA ARG C 243 16.72 8.06 18.03
C ARG C 243 15.33 8.05 17.35
N LYS C 244 15.29 7.65 16.09
CA LYS C 244 14.03 7.66 15.31
C LYS C 244 13.10 6.47 15.59
N VAL C 245 13.68 5.36 16.09
CA VAL C 245 12.92 4.12 16.31
C VAL C 245 11.98 4.19 17.53
N PRO C 246 10.65 4.15 17.27
CA PRO C 246 9.70 4.15 18.40
C PRO C 246 9.94 3.05 19.44
N LEU C 247 10.08 1.81 19.02
CA LEU C 247 10.29 0.70 19.94
C LEU C 247 11.75 0.56 20.41
N GLY C 248 12.08 1.25 21.49
CA GLY C 248 13.40 1.15 22.11
C GLY C 248 14.48 2.13 21.69
N ARG C 249 14.18 3.02 20.76
CA ARG C 249 15.18 3.96 20.21
C ARG C 249 16.56 3.32 19.90
N ARG C 250 16.52 2.19 19.22
CA ARG C 250 17.69 1.36 18.94
C ARG C 250 17.45 0.62 17.64
N GLU C 251 18.53 0.21 16.99
CA GLU C 251 18.44 -0.65 15.82
C GLU C 251 18.12 -2.12 16.21
N ALA C 252 17.58 -2.86 15.25
CA ALA C 252 17.42 -4.32 15.41
C ALA C 252 18.77 -4.98 15.41
N SER C 253 18.99 -5.93 16.31
CA SER C 253 20.14 -6.84 16.15
C SER C 253 19.98 -7.67 14.84
N ALA C 254 21.10 -8.20 14.34
CA ALA C 254 21.09 -9.13 13.23
C ALA C 254 20.22 -10.34 13.59
N GLU C 255 20.29 -10.78 14.85
CA GLU C 255 19.56 -11.96 15.31
C GLU C 255 18.04 -11.78 15.22
N GLN C 256 17.56 -10.58 15.55
CA GLN C 256 16.16 -10.24 15.51
C GLN C 256 15.61 -10.30 14.09
N ILE C 257 16.39 -9.81 13.11
CA ILE C 257 16.10 -10.03 11.67
C ILE C 257 16.07 -11.51 11.27
N ALA C 258 17.06 -12.27 11.75
CA ALA C 258 17.11 -13.70 11.45
C ALA C 258 15.88 -14.43 12.00
N ASP C 259 15.40 -14.00 13.16
CA ASP C 259 14.25 -14.63 13.82
C ASP C 259 13.02 -14.66 12.88
N ALA C 260 12.82 -13.58 12.14
CA ALA C 260 11.71 -13.47 11.19
C ALA C 260 11.92 -14.40 10.00
N VAL C 261 13.18 -14.55 9.57
CA VAL C 261 13.49 -15.49 8.51
C VAL C 261 13.19 -16.92 8.97
N ILE C 262 13.62 -17.24 10.19
CA ILE C 262 13.43 -18.56 10.77
C ILE C 262 11.93 -18.90 10.84
N PHE C 263 11.11 -17.93 11.23
CA PHE C 263 9.65 -18.13 11.29
C PHE C 263 9.12 -18.46 9.91
N LEU C 264 9.47 -17.63 8.91
CA LEU C 264 8.99 -17.79 7.54
C LEU C 264 9.35 -19.14 6.90
N VAL C 265 10.53 -19.68 7.21
CA VAL C 265 10.93 -20.98 6.65
C VAL C 265 10.31 -22.19 7.41
N SER C 266 9.78 -21.95 8.61
CA SER C 266 9.30 -23.02 9.51
C SER C 266 7.94 -23.56 9.11
N GLY C 267 7.56 -24.68 9.72
CA GLY C 267 6.24 -25.28 9.52
C GLY C 267 5.15 -24.42 10.10
N SER C 268 5.53 -23.45 10.93
CA SER C 268 4.62 -22.45 11.48
C SER C 268 4.22 -21.38 10.46
N ALA C 269 4.81 -21.42 9.27
CA ALA C 269 4.50 -20.43 8.22
C ALA C 269 3.99 -21.11 6.94
N GLN C 270 3.44 -22.31 7.09
CA GLN C 270 3.12 -23.15 5.94
C GLN C 270 2.03 -22.66 4.96
N TYR C 271 1.15 -21.77 5.44
CA TYR C 271 0.17 -21.12 4.60
C TYR C 271 0.57 -19.70 4.12
N ILE C 272 1.75 -19.25 4.54
CA ILE C 272 2.24 -17.90 4.24
C ILE C 272 3.12 -17.84 2.99
N THR C 273 2.63 -17.11 1.97
CA THR C 273 3.41 -16.83 0.78
C THR C 273 3.00 -15.46 0.24
N GLY C 274 3.95 -14.75 -0.36
CA GLY C 274 3.75 -13.41 -0.88
C GLY C 274 3.74 -12.35 0.21
N SER C 275 4.10 -12.72 1.43
CA SER C 275 4.09 -11.82 2.57
C SER C 275 5.46 -11.26 2.86
N ILE C 276 5.48 -9.98 3.22
CA ILE C 276 6.71 -9.30 3.58
C ILE C 276 6.48 -8.78 5.00
N ILE C 277 7.19 -9.39 5.94
CA ILE C 277 7.15 -9.00 7.34
C ILE C 277 8.15 -7.87 7.58
N LYS C 278 7.60 -6.71 7.95
CA LYS C 278 8.41 -5.60 8.49
C LYS C 278 8.95 -5.94 9.88
N VAL C 279 10.25 -5.70 10.09
CA VAL C 279 10.90 -5.90 11.39
C VAL C 279 11.66 -4.59 11.68
N ASP C 280 10.92 -3.55 12.08
CA ASP C 280 11.43 -2.19 12.04
C ASP C 280 11.18 -1.34 13.31
N GLY C 281 10.64 -1.94 14.38
CA GLY C 281 10.42 -1.21 15.64
C GLY C 281 9.52 0.00 15.47
N GLY C 282 8.73 -0.01 14.41
CA GLY C 282 7.76 1.05 14.16
C GLY C 282 8.30 2.17 13.31
N LEU C 283 9.58 2.10 12.94
CA LEU C 283 10.25 3.19 12.20
C LEU C 283 9.48 3.69 10.95
N SER C 284 8.98 2.78 10.12
CA SER C 284 8.23 3.15 8.92
C SER C 284 6.91 3.90 9.20
N LEU C 285 6.47 3.91 10.45
CA LEU C 285 5.23 4.63 10.83
C LEU C 285 5.45 6.08 11.31
N VAL C 286 6.70 6.49 11.31
CA VAL C 286 7.06 7.76 11.91
C VAL C 286 7.04 8.81 10.79
N HIS C 287 6.12 9.78 10.88
CA HIS C 287 6.10 10.86 9.90
C HIS C 287 7.34 11.76 10.06
N ALA C 288 7.70 12.44 8.97
CA ALA C 288 8.81 13.39 8.96
C ALA C 288 8.54 14.52 9.95
N GLU D 22 5.68 -17.19 37.47
CA GLU D 22 4.24 -16.87 37.17
C GLU D 22 3.98 -16.83 35.65
N ALA D 23 2.91 -17.51 35.22
CA ALA D 23 2.58 -17.61 33.80
C ALA D 23 1.93 -16.31 33.28
N PRO D 24 2.25 -15.92 32.03
CA PRO D 24 1.59 -14.71 31.52
C PRO D 24 0.10 -14.98 31.21
N ALA D 25 -0.66 -13.92 30.99
CA ALA D 25 -2.09 -14.04 30.70
C ALA D 25 -2.45 -13.31 29.40
N ALA D 26 -3.37 -13.89 28.65
CA ALA D 26 -3.86 -13.29 27.40
C ALA D 26 -5.39 -13.18 27.41
N VAL D 27 -5.91 -12.09 26.84
CA VAL D 27 -7.33 -11.99 26.49
C VAL D 27 -7.48 -12.28 24.98
N VAL D 28 -8.39 -13.19 24.63
CA VAL D 28 -8.73 -13.46 23.22
C VAL D 28 -10.19 -13.17 23.09
N THR D 29 -10.56 -12.24 22.22
CA THR D 29 -12.01 -11.99 22.07
C THR D 29 -12.61 -12.93 21.03
N GLY D 30 -13.89 -13.26 21.17
CA GLY D 30 -14.54 -14.20 20.26
C GLY D 30 -13.78 -15.52 20.21
N ALA D 31 -13.43 -16.04 21.39
CA ALA D 31 -12.55 -17.22 21.52
C ALA D 31 -13.28 -18.57 21.66
N ALA D 32 -14.61 -18.56 21.67
CA ALA D 32 -15.40 -19.79 21.88
C ALA D 32 -15.26 -20.79 20.74
N LYS D 33 -15.14 -20.28 19.53
CA LYS D 33 -15.24 -21.12 18.31
C LYS D 33 -14.17 -20.75 17.31
N ARG D 34 -13.99 -21.62 16.31
CA ARG D 34 -13.27 -21.31 15.07
C ARG D 34 -11.86 -20.71 15.33
N ILE D 35 -11.50 -19.63 14.63
CA ILE D 35 -10.12 -19.10 14.73
C ILE D 35 -9.77 -18.60 16.14
N GLY D 36 -10.73 -17.92 16.78
CA GLY D 36 -10.56 -17.43 18.13
C GLY D 36 -10.18 -18.56 19.08
N ARG D 37 -10.90 -19.68 18.96
CA ARG D 37 -10.69 -20.83 19.83
C ARG D 37 -9.30 -21.43 19.62
N ALA D 38 -8.89 -21.59 18.37
CA ALA D 38 -7.54 -22.08 18.09
C ALA D 38 -6.42 -21.18 18.58
N ILE D 39 -6.65 -19.85 18.56
CA ILE D 39 -5.72 -18.91 19.16
C ILE D 39 -5.63 -19.12 20.67
N ALA D 40 -6.80 -19.26 21.32
CA ALA D 40 -6.86 -19.49 22.76
C ALA D 40 -6.16 -20.78 23.12
N VAL D 41 -6.44 -21.85 22.36
CA VAL D 41 -5.82 -23.14 22.61
C VAL D 41 -4.29 -23.07 22.45
N LYS D 42 -3.81 -22.44 21.38
CA LYS D 42 -2.35 -22.30 21.17
C LYS D 42 -1.63 -21.42 22.21
N LEU D 43 -2.25 -20.31 22.62
CA LEU D 43 -1.70 -19.50 23.70
C LEU D 43 -1.55 -20.33 24.99
N HIS D 44 -2.59 -21.09 25.30
CA HIS D 44 -2.59 -21.98 26.47
C HIS D 44 -1.50 -23.04 26.38
N GLN D 45 -1.40 -23.68 25.21
CA GLN D 45 -0.32 -24.61 24.95
C GLN D 45 1.09 -24.02 25.11
N THR D 46 1.24 -22.74 24.78
CA THR D 46 2.50 -22.00 24.87
C THR D 46 2.81 -21.57 26.32
N GLY D 47 1.82 -21.68 27.20
CA GLY D 47 2.03 -21.44 28.60
C GLY D 47 1.22 -20.29 29.17
N TYR D 48 0.37 -19.68 28.33
CA TYR D 48 -0.50 -18.58 28.76
C TYR D 48 -1.72 -19.04 29.56
N ARG D 49 -2.11 -18.22 30.52
CA ARG D 49 -3.48 -18.28 31.05
C ARG D 49 -4.37 -17.44 30.15
N VAL D 50 -5.62 -17.86 29.99
CA VAL D 50 -6.46 -17.24 28.95
C VAL D 50 -7.83 -16.84 29.48
N VAL D 51 -8.23 -15.62 29.12
CA VAL D 51 -9.62 -15.18 29.20
C VAL D 51 -10.25 -15.49 27.85
N ILE D 52 -11.27 -16.34 27.88
CA ILE D 52 -12.06 -16.68 26.71
C ILE D 52 -13.25 -15.73 26.66
N HIS D 53 -13.13 -14.66 25.88
CA HIS D 53 -14.27 -13.78 25.71
C HIS D 53 -15.24 -14.41 24.67
N TYR D 54 -16.54 -14.23 24.90
CA TYR D 54 -17.57 -14.72 24.00
C TYR D 54 -18.76 -13.79 24.10
N HIS D 55 -19.65 -13.88 23.10
CA HIS D 55 -20.89 -13.12 23.11
C HIS D 55 -22.09 -14.06 23.28
N ASN D 56 -22.39 -14.87 22.26
CA ASN D 56 -23.54 -15.78 22.28
C ASN D 56 -23.13 -17.23 22.56
N SER D 57 -21.89 -17.59 22.29
CA SER D 57 -21.50 -19.00 22.34
C SER D 57 -21.08 -19.43 23.76
N ALA D 58 -22.07 -19.42 24.67
CA ALA D 58 -21.82 -19.69 26.08
C ALA D 58 -21.37 -21.10 26.37
N GLU D 59 -22.05 -22.08 25.78
CA GLU D 59 -21.73 -23.50 25.98
C GLU D 59 -20.34 -23.84 25.48
N ALA D 60 -20.01 -23.40 24.27
CA ALA D 60 -18.70 -23.59 23.69
C ALA D 60 -17.56 -22.96 24.51
N ALA D 61 -17.78 -21.75 25.03
CA ALA D 61 -16.73 -21.06 25.81
C ALA D 61 -16.42 -21.76 27.14
N VAL D 62 -17.49 -22.09 27.87
CA VAL D 62 -17.43 -22.82 29.14
C VAL D 62 -16.82 -24.21 28.95
N SER D 63 -17.17 -24.84 27.83
CA SER D 63 -16.56 -26.09 27.41
C SER D 63 -15.06 -25.96 27.07
N LEU D 64 -14.68 -24.89 26.40
CA LEU D 64 -13.27 -24.63 26.14
C LEU D 64 -12.48 -24.40 27.44
N ALA D 65 -13.02 -23.56 28.34
CA ALA D 65 -12.39 -23.29 29.65
C ALA D 65 -12.22 -24.56 30.47
N ASP D 66 -13.24 -25.42 30.44
CA ASP D 66 -13.21 -26.75 31.05
C ASP D 66 -12.07 -27.62 30.51
N GLU D 67 -12.01 -27.75 29.18
CA GLU D 67 -10.95 -28.49 28.53
C GLU D 67 -9.56 -27.99 28.95
N LEU D 68 -9.34 -26.69 28.85
CA LEU D 68 -8.05 -26.07 29.21
C LEU D 68 -7.72 -26.17 30.69
N ASN D 69 -8.73 -26.02 31.55
CA ASN D 69 -8.55 -26.19 33.00
C ASN D 69 -8.28 -27.62 33.44
N LYS D 70 -8.73 -28.60 32.65
CA LYS D 70 -8.38 -30.00 32.90
C LYS D 70 -6.88 -30.17 32.77
N GLU D 71 -6.29 -29.47 31.78
CA GLU D 71 -4.86 -29.54 31.48
CA GLU D 71 -4.87 -29.56 31.50
C GLU D 71 -3.99 -28.86 32.54
N ARG D 72 -4.34 -27.62 32.90
CA ARG D 72 -3.71 -26.92 34.00
C ARG D 72 -4.80 -26.15 34.73
N SER D 73 -5.10 -26.52 35.98
CA SER D 73 -6.19 -25.88 36.70
C SER D 73 -6.00 -24.38 36.93
N ASN D 74 -7.11 -23.65 36.97
CA ASN D 74 -7.11 -22.17 37.11
C ASN D 74 -6.24 -21.45 36.06
N THR D 75 -6.33 -21.86 34.79
CA THR D 75 -5.58 -21.18 33.73
C THR D 75 -6.47 -20.60 32.64
N ALA D 76 -7.80 -20.72 32.83
CA ALA D 76 -8.76 -20.26 31.85
C ALA D 76 -10.04 -19.80 32.53
N VAL D 77 -10.56 -18.68 32.10
CA VAL D 77 -11.88 -18.24 32.54
C VAL D 77 -12.62 -17.76 31.32
N VAL D 78 -13.95 -17.74 31.40
CA VAL D 78 -14.77 -17.07 30.38
C VAL D 78 -15.15 -15.64 30.80
N CYS D 79 -15.43 -14.81 29.81
CA CYS D 79 -15.90 -13.47 30.02
C CYS D 79 -16.91 -13.11 28.92
N GLN D 80 -18.17 -12.86 29.29
CA GLN D 80 -19.21 -12.54 28.31
C GLN D 80 -19.32 -11.04 28.07
N ALA D 81 -19.43 -10.64 26.80
CA ALA D 81 -19.67 -9.25 26.45
C ALA D 81 -20.09 -9.06 24.98
N ASP D 82 -21.07 -8.19 24.81
CA ASP D 82 -21.43 -7.63 23.50
C ASP D 82 -20.38 -6.56 23.15
N LEU D 83 -19.79 -6.70 21.95
CA LEU D 83 -18.80 -5.73 21.47
C LEU D 83 -19.37 -4.81 20.38
N THR D 84 -20.70 -4.86 20.19
CA THR D 84 -21.43 -3.84 19.42
C THR D 84 -21.14 -2.47 20.02
N ASN D 85 -21.01 -1.44 19.18
CA ASN D 85 -20.76 -0.12 19.71
C ASN D 85 -22.02 0.47 20.36
N SER D 86 -21.81 1.12 21.50
CA SER D 86 -22.85 1.83 22.26
C SER D 86 -22.12 2.67 23.30
N ASN D 87 -22.88 3.46 24.06
CA ASN D 87 -22.32 4.29 25.11
C ASN D 87 -21.72 3.51 26.29
N VAL D 88 -22.07 2.24 26.42
N VAL D 88 -22.02 2.22 26.37
CA VAL D 88 -21.47 1.41 27.48
CA VAL D 88 -21.55 1.36 27.45
C VAL D 88 -20.35 0.50 26.98
C VAL D 88 -20.39 0.47 26.97
N LEU D 89 -20.05 0.56 25.69
CA LEU D 89 -18.96 -0.28 25.14
C LEU D 89 -17.63 -0.07 25.89
N PRO D 90 -17.26 1.21 26.19
CA PRO D 90 -16.03 1.44 26.99
C PRO D 90 -16.03 0.69 28.33
N ALA D 91 -17.12 0.77 29.08
CA ALA D 91 -17.30 -0.02 30.30
C ALA D 91 -17.12 -1.51 30.05
N SER D 92 -17.74 -2.04 28.99
CA SER D 92 -17.65 -3.47 28.67
C SER D 92 -16.21 -3.87 28.36
N CYS D 93 -15.54 -3.05 27.55
CA CYS D 93 -14.11 -3.27 27.22
C CYS D 93 -13.18 -3.16 28.45
N GLU D 94 -13.48 -2.21 29.33
CA GLU D 94 -12.73 -2.03 30.57
CA GLU D 94 -12.73 -2.03 30.56
C GLU D 94 -12.85 -3.28 31.43
N GLU D 95 -14.06 -3.82 31.45
CA GLU D 95 -14.39 -4.98 32.24
C GLU D 95 -13.74 -6.25 31.72
N ILE D 96 -13.59 -6.40 30.41
CA ILE D 96 -12.92 -7.58 29.85
C ILE D 96 -11.47 -7.61 30.32
N ILE D 97 -10.81 -6.45 30.24
CA ILE D 97 -9.44 -6.33 30.73
C ILE D 97 -9.39 -6.54 32.23
N ASN D 98 -10.25 -5.84 32.99
CA ASN D 98 -10.41 -6.09 34.42
C ASN D 98 -10.55 -7.57 34.78
N SER D 99 -11.31 -8.31 33.99
CA SER D 99 -11.56 -9.72 34.25
CA SER D 99 -11.55 -9.72 34.23
C SER D 99 -10.27 -10.56 34.17
N CYS D 100 -9.35 -10.16 33.29
CA CYS D 100 -8.03 -10.80 33.20
C CYS D 100 -7.22 -10.56 34.46
N PHE D 101 -7.18 -9.30 34.92
CA PHE D 101 -6.50 -8.97 36.18
C PHE D 101 -7.14 -9.67 37.40
N ARG D 102 -8.47 -9.76 37.36
CA ARG D 102 -9.21 -10.40 38.44
C ARG D 102 -8.83 -11.89 38.54
N ALA D 103 -8.81 -12.56 37.39
CA ALA D 103 -8.48 -13.96 37.34
C ALA D 103 -7.00 -14.22 37.56
N PHE D 104 -6.14 -13.45 36.89
CA PHE D 104 -4.71 -13.83 36.76
C PHE D 104 -3.70 -12.81 37.30
N GLY D 105 -4.19 -11.62 37.71
CA GLY D 105 -3.36 -10.59 38.34
C GLY D 105 -2.45 -9.85 37.36
N ARG D 106 -2.60 -10.13 36.07
CA ARG D 106 -1.82 -9.49 35.00
C ARG D 106 -2.54 -9.65 33.66
N CYS D 107 -2.16 -8.82 32.69
CA CYS D 107 -2.65 -8.98 31.33
C CYS D 107 -1.55 -8.63 30.35
N ASP D 108 -1.03 -9.65 29.67
CA ASP D 108 0.19 -9.55 28.85
C ASP D 108 -0.08 -9.43 27.36
N VAL D 109 -1.17 -10.05 26.92
CA VAL D 109 -1.48 -10.17 25.51
C VAL D 109 -2.98 -9.90 25.33
N LEU D 110 -3.29 -9.04 24.36
CA LEU D 110 -4.66 -8.91 23.89
C LEU D 110 -4.72 -9.34 22.45
N VAL D 111 -5.65 -10.26 22.16
CA VAL D 111 -5.97 -10.63 20.78
C VAL D 111 -7.37 -10.14 20.37
N ASN D 112 -7.41 -9.22 19.42
CA ASN D 112 -8.66 -8.69 18.90
C ASN D 112 -9.16 -9.51 17.72
N ASN D 113 -9.96 -10.51 18.04
CA ASN D 113 -10.42 -11.53 17.12
C ASN D 113 -11.91 -11.41 16.76
N ALA D 114 -12.77 -11.13 17.75
CA ALA D 114 -14.23 -10.98 17.54
C ALA D 114 -14.62 -10.08 16.38
N SER D 115 -15.62 -10.50 15.61
CA SER D 115 -15.91 -9.87 14.33
C SER D 115 -17.29 -10.18 13.78
N ALA D 116 -18.06 -9.12 13.51
CA ALA D 116 -19.28 -9.29 12.71
C ALA D 116 -18.89 -9.20 11.25
N PHE D 117 -19.52 -10.04 10.43
CA PHE D 117 -19.24 -10.15 9.00
C PHE D 117 -20.53 -10.49 8.24
N TYR D 118 -21.11 -9.48 7.60
CA TYR D 118 -22.30 -9.64 6.75
C TYR D 118 -22.41 -8.48 5.76
N PRO D 119 -23.13 -8.70 4.65
CA PRO D 119 -23.21 -7.65 3.65
C PRO D 119 -24.10 -6.49 4.08
N THR D 120 -23.73 -5.30 3.65
CA THR D 120 -24.50 -4.08 3.86
C THR D 120 -24.52 -3.33 2.53
N PRO D 121 -25.45 -3.73 1.62
CA PRO D 121 -25.54 -3.15 0.26
C PRO D 121 -25.83 -1.66 0.31
N LEU D 122 -25.19 -0.91 -0.59
CA LEU D 122 -25.37 0.52 -0.68
C LEU D 122 -26.71 0.85 -1.31
N VAL D 123 -27.17 -0.01 -2.21
CA VAL D 123 -28.47 0.18 -2.85
C VAL D 123 -29.39 -1.01 -2.56
N GLN D 124 -30.65 -0.71 -2.33
CA GLN D 124 -31.66 -1.71 -1.93
C GLN D 124 -32.61 -2.07 -3.06
N GLY D 133 -32.98 -7.89 9.15
CA GLY D 133 -34.01 -7.01 9.73
C GLY D 133 -33.44 -5.74 10.36
N LYS D 134 -32.14 -5.76 10.64
CA LYS D 134 -31.42 -4.70 11.37
C LYS D 134 -31.47 -3.31 10.69
N THR D 135 -31.54 -2.27 11.51
CA THR D 135 -31.45 -0.91 10.99
C THR D 135 -30.02 -0.66 10.56
N VAL D 136 -29.82 0.29 9.65
CA VAL D 136 -28.47 0.63 9.22
C VAL D 136 -27.58 1.09 10.41
N GLU D 137 -28.15 1.82 11.38
CA GLU D 137 -27.33 2.22 12.53
C GLU D 137 -26.91 1.02 13.41
N THR D 138 -27.76 0.01 13.49
CA THR D 138 -27.40 -1.24 14.16
C THR D 138 -26.26 -1.97 13.41
N GLN D 139 -26.33 -1.99 12.09
CA GLN D 139 -25.28 -2.60 11.30
C GLN D 139 -23.97 -1.85 11.43
N VAL D 140 -24.03 -0.52 11.47
CA VAL D 140 -22.84 0.33 11.80
C VAL D 140 -22.26 -0.03 13.18
N ALA D 141 -23.10 -0.03 14.21
CA ALA D 141 -22.68 -0.39 15.58
C ALA D 141 -22.04 -1.77 15.65
N GLU D 142 -22.60 -2.75 14.96
CA GLU D 142 -22.06 -4.11 15.05
C GLU D 142 -20.77 -4.29 14.24
N LEU D 143 -20.79 -3.84 13.00
CA LEU D 143 -19.70 -4.06 12.08
C LEU D 143 -18.51 -3.14 12.40
N ILE D 144 -18.79 -1.86 12.68
CA ILE D 144 -17.70 -0.97 13.02
C ILE D 144 -17.28 -1.18 14.49
N GLY D 145 -18.24 -1.44 15.39
CA GLY D 145 -17.90 -1.68 16.80
C GLY D 145 -16.97 -2.88 17.03
N THR D 146 -17.38 -4.07 16.56
CA THR D 146 -16.59 -5.33 16.73
C THR D 146 -15.26 -5.31 16.02
N ASN D 147 -15.25 -4.85 14.77
CA ASN D 147 -14.02 -4.86 13.98
C ASN D 147 -13.06 -3.70 14.28
N ALA D 148 -13.57 -2.63 14.87
CA ALA D 148 -12.77 -1.40 15.03
C ALA D 148 -12.88 -0.70 16.37
N ILE D 149 -14.09 -0.43 16.86
CA ILE D 149 -14.17 0.40 18.09
C ILE D 149 -13.83 -0.39 19.35
N ALA D 150 -14.34 -1.61 19.43
CA ALA D 150 -14.01 -2.49 20.55
C ALA D 150 -12.50 -2.77 20.65
N PRO D 151 -11.84 -3.15 19.52
CA PRO D 151 -10.36 -3.17 19.57
C PRO D 151 -9.66 -1.89 20.06
N PHE D 152 -10.16 -0.73 19.64
CA PHE D 152 -9.63 0.56 20.11
C PHE D 152 -9.75 0.73 21.64
N LEU D 153 -10.95 0.47 22.14
CA LEU D 153 -11.27 0.62 23.56
C LEU D 153 -10.56 -0.42 24.46
N LEU D 154 -10.47 -1.67 23.97
CA LEU D 154 -9.70 -2.73 24.64
C LEU D 154 -8.20 -2.38 24.68
N THR D 155 -7.71 -1.79 23.60
CA THR D 155 -6.36 -1.26 23.51
C THR D 155 -6.10 -0.17 24.56
N MET D 156 -7.04 0.77 24.72
CA MET D 156 -6.96 1.81 25.76
C MET D 156 -6.88 1.21 27.17
N SER D 157 -7.85 0.33 27.46
CA SER D 157 -7.97 -0.32 28.73
C SER D 157 -6.75 -1.19 29.02
N PHE D 158 -6.32 -1.96 28.04
CA PHE D 158 -5.09 -2.77 28.17
C PHE D 158 -3.88 -1.90 28.52
N ALA D 159 -3.70 -0.81 27.80
CA ALA D 159 -2.54 0.05 28.00
C ALA D 159 -2.69 0.82 29.32
N GLN D 160 -3.94 1.15 29.68
CA GLN D 160 -4.17 1.93 30.90
C GLN D 160 -3.84 1.12 32.14
N ARG D 161 -4.09 -0.20 32.11
CA ARG D 161 -3.80 -1.05 33.26
C ARG D 161 -2.31 -1.39 33.43
N GLN D 162 -1.52 -1.12 32.39
CA GLN D 162 -0.07 -1.33 32.48
C GLN D 162 0.63 -0.13 33.15
N SER D 172 9.33 -8.35 30.69
CA SER D 172 7.95 -8.41 30.19
C SER D 172 7.88 -8.37 28.65
N ASN D 173 6.82 -8.95 28.11
CA ASN D 173 6.62 -9.01 26.68
C ASN D 173 5.15 -8.72 26.42
N LEU D 174 4.80 -7.44 26.41
CA LEU D 174 3.41 -7.01 26.21
C LEU D 174 3.16 -6.78 24.75
N SER D 175 2.07 -7.37 24.25
CA SER D 175 1.63 -7.09 22.87
C SER D 175 0.14 -7.29 22.62
N ILE D 176 -0.32 -6.64 21.54
CA ILE D 176 -1.65 -6.75 21.00
C ILE D 176 -1.54 -7.33 19.57
N VAL D 177 -2.41 -8.28 19.24
CA VAL D 177 -2.53 -8.77 17.86
C VAL D 177 -3.95 -8.53 17.44
N ASN D 178 -4.10 -7.77 16.35
CA ASN D 178 -5.41 -7.56 15.75
C ASN D 178 -5.66 -8.53 14.58
N LEU D 179 -6.83 -9.20 14.56
CA LEU D 179 -7.21 -10.02 13.40
C LEU D 179 -7.76 -9.15 12.27
N CYS D 180 -6.96 -9.03 11.22
CA CYS D 180 -7.27 -8.11 10.14
C CYS D 180 -7.86 -8.89 8.98
N ASP D 181 -7.68 -8.39 7.75
CA ASP D 181 -8.22 -9.13 6.59
C ASP D 181 -7.35 -8.87 5.36
N ALA D 182 -6.75 -9.93 4.78
CA ALA D 182 -5.81 -9.77 3.65
C ALA D 182 -6.52 -9.23 2.40
N MET D 183 -7.84 -9.27 2.39
CA MET D 183 -8.58 -8.84 1.21
C MET D 183 -9.08 -7.40 1.29
N VAL D 184 -8.56 -6.62 2.24
CA VAL D 184 -9.07 -5.26 2.47
C VAL D 184 -9.05 -4.37 1.21
N ASP D 185 -8.10 -4.62 0.31
CA ASP D 185 -7.96 -3.85 -0.92
C ASP D 185 -8.65 -4.45 -2.15
N GLN D 186 -9.26 -5.62 -1.94
CA GLN D 186 -10.03 -6.31 -2.96
C GLN D 186 -11.30 -6.85 -2.26
N PRO D 187 -12.15 -5.91 -1.80
CA PRO D 187 -13.22 -6.25 -0.87
C PRO D 187 -14.31 -7.13 -1.48
N CSX D 188 -15.01 -7.86 -0.60
CA CSX D 188 -16.19 -8.62 -1.00
CB CSX D 188 -16.79 -9.43 0.17
SG CSX D 188 -15.72 -10.68 0.95
C CSX D 188 -17.22 -7.61 -1.43
O CSX D 188 -17.39 -6.57 -0.80
OD CSX D 188 -15.80 -11.73 -0.39
N MET D 189 -17.93 -7.91 -2.51
CA MET D 189 -18.98 -7.04 -3.04
C MET D 189 -20.12 -6.83 -2.03
N ALA D 190 -20.47 -5.55 -1.79
CA ALA D 190 -21.58 -5.17 -0.91
C ALA D 190 -21.28 -5.35 0.60
N PHE D 191 -19.99 -5.34 0.95
CA PHE D 191 -19.49 -5.39 2.31
C PHE D 191 -18.87 -4.06 2.78
N SER D 192 -19.40 -2.90 2.34
CA SER D 192 -18.78 -1.62 2.69
CA SER D 192 -18.82 -1.60 2.69
C SER D 192 -18.51 -1.44 4.19
N LEU D 193 -19.53 -1.59 5.04
CA LEU D 193 -19.35 -1.41 6.50
C LEU D 193 -18.31 -2.35 7.13
N TYR D 194 -18.36 -3.63 6.76
CA TYR D 194 -17.37 -4.59 7.15
C TYR D 194 -15.97 -4.14 6.74
N ASN D 195 -15.84 -3.73 5.47
CA ASN D 195 -14.53 -3.37 4.92
C ASN D 195 -13.99 -2.08 5.56
N MET D 196 -14.91 -1.15 5.84
CA MET D 196 -14.56 0.05 6.58
C MET D 196 -14.04 -0.30 8.00
N GLY D 197 -14.72 -1.24 8.66
CA GLY D 197 -14.28 -1.75 9.97
C GLY D 197 -12.86 -2.29 9.93
N LYS D 198 -12.57 -3.16 8.99
CA LYS D 198 -11.24 -3.74 8.88
C LYS D 198 -10.18 -2.73 8.50
N HIS D 199 -10.51 -1.81 7.59
CA HIS D 199 -9.61 -0.69 7.30
C HIS D 199 -9.23 0.15 8.52
N ALA D 200 -10.25 0.45 9.34
CA ALA D 200 -10.07 1.21 10.56
C ALA D 200 -9.19 0.42 11.52
N LEU D 201 -9.37 -0.90 11.55
CA LEU D 201 -8.48 -1.79 12.31
C LEU D 201 -6.97 -1.72 11.93
N VAL D 202 -6.67 -1.60 10.64
CA VAL D 202 -5.29 -1.37 10.16
C VAL D 202 -4.77 -0.02 10.72
N GLY D 203 -5.57 1.02 10.54
CA GLY D 203 -5.35 2.35 11.14
C GLY D 203 -5.05 2.29 12.62
N LEU D 204 -5.89 1.58 13.38
CA LEU D 204 -5.61 1.38 14.80
C LEU D 204 -4.28 0.63 15.05
N THR D 205 -4.07 -0.47 14.33
CA THR D 205 -2.81 -1.21 14.45
C THR D 205 -1.57 -0.28 14.36
N GLN D 206 -1.51 0.54 13.32
CA GLN D 206 -0.40 1.47 13.14
C GLN D 206 -0.33 2.62 14.16
N SER D 207 -1.49 3.21 14.45
CA SER D 207 -1.61 4.27 15.42
C SER D 207 -1.20 3.81 16.81
N ALA D 208 -1.72 2.66 17.26
CA ALA D 208 -1.36 2.10 18.56
C ALA D 208 0.09 1.58 18.63
N ALA D 209 0.62 1.01 17.53
CA ALA D 209 2.03 0.63 17.52
C ALA D 209 2.89 1.85 17.84
N LEU D 210 2.59 2.96 17.18
CA LEU D 210 3.38 4.17 17.31
C LEU D 210 3.31 4.76 18.73
N GLU D 211 2.10 4.87 19.26
CA GLU D 211 1.83 5.53 20.55
C GLU D 211 2.18 4.67 21.79
N LEU D 212 2.13 3.34 21.64
CA LEU D 212 2.40 2.47 22.78
C LEU D 212 3.83 1.94 22.80
N ALA D 213 4.58 2.21 21.72
CA ALA D 213 5.99 1.85 21.68
C ALA D 213 6.80 2.34 22.90
N PRO D 214 6.60 3.61 23.36
CA PRO D 214 7.20 4.10 24.61
C PRO D 214 6.91 3.24 25.84
N TYR D 215 5.83 2.46 25.82
CA TYR D 215 5.44 1.64 26.95
C TYR D 215 5.89 0.19 26.81
N GLY D 216 6.47 -0.16 25.66
CA GLY D 216 6.95 -1.51 25.43
C GLY D 216 5.85 -2.48 25.02
N ILE D 217 4.70 -1.91 24.67
CA ILE D 217 3.62 -2.68 24.11
C ILE D 217 3.74 -2.66 22.57
N ARG D 218 3.90 -3.84 21.99
CA ARG D 218 3.92 -4.02 20.54
C ARG D 218 2.49 -4.29 20.02
N VAL D 219 2.19 -3.77 18.83
CA VAL D 219 0.87 -3.92 18.27
C VAL D 219 1.02 -4.38 16.81
N ASN D 220 0.48 -5.55 16.51
CA ASN D 220 0.63 -6.14 15.18
C ASN D 220 -0.68 -6.75 14.73
N GLY D 221 -0.70 -7.27 13.50
CA GLY D 221 -1.90 -7.88 12.97
C GLY D 221 -1.61 -9.17 12.25
N VAL D 222 -2.64 -9.99 12.12
CA VAL D 222 -2.58 -11.16 11.29
C VAL D 222 -3.77 -11.00 10.35
N ALA D 223 -3.54 -11.17 9.04
CA ALA D 223 -4.59 -10.98 8.04
C ALA D 223 -4.84 -12.27 7.28
N PRO D 224 -5.88 -13.03 7.69
CA PRO D 224 -6.30 -14.23 6.93
C PRO D 224 -6.90 -13.80 5.58
N GLY D 225 -6.73 -14.62 4.55
CA GLY D 225 -7.50 -14.46 3.31
C GLY D 225 -8.78 -15.29 3.43
N VAL D 226 -8.70 -16.53 3.00
CA VAL D 226 -9.72 -17.51 3.26
C VAL D 226 -9.20 -18.50 4.29
N SER D 227 -9.90 -18.58 5.42
CA SER D 227 -9.60 -19.58 6.43
C SER D 227 -10.94 -20.32 6.63
N LEU D 228 -11.21 -20.81 7.83
CA LEU D 228 -12.47 -21.49 8.15
C LEU D 228 -13.66 -20.72 7.63
N LEU D 229 -14.33 -21.31 6.64
CA LEU D 229 -15.38 -20.61 5.89
C LEU D 229 -16.67 -20.44 6.74
N PRO D 230 -17.47 -19.41 6.45
CA PRO D 230 -18.71 -19.22 7.24
C PRO D 230 -19.65 -20.44 7.27
N VAL D 231 -20.07 -20.80 8.49
CA VAL D 231 -21.04 -21.89 8.73
C VAL D 231 -22.22 -21.89 7.74
N ALA D 232 -22.72 -20.68 7.46
CA ALA D 232 -23.87 -20.46 6.61
C ALA D 232 -23.52 -20.42 5.12
N MET D 233 -22.24 -20.29 4.78
CA MET D 233 -21.81 -20.33 3.37
C MET D 233 -22.04 -21.74 2.80
N GLY D 234 -22.61 -21.80 1.59
CA GLY D 234 -22.93 -23.06 0.92
C GLY D 234 -21.66 -23.75 0.44
N GLU D 235 -21.76 -25.06 0.17
CA GLU D 235 -20.58 -25.84 -0.23
C GLU D 235 -19.99 -25.45 -1.59
N GLU D 236 -20.86 -25.05 -2.52
CA GLU D 236 -20.42 -24.66 -3.86
C GLU D 236 -19.55 -23.40 -3.77
N GLU D 237 -20.02 -22.42 -3.00
CA GLU D 237 -19.29 -21.18 -2.69
C GLU D 237 -17.97 -21.45 -1.98
N LYS D 238 -17.99 -22.38 -1.01
CA LYS D 238 -16.80 -22.71 -0.24
C LYS D 238 -15.72 -23.22 -1.19
N ASP D 239 -16.14 -24.04 -2.14
CA ASP D 239 -15.24 -24.68 -3.10
C ASP D 239 -14.78 -23.70 -4.16
N LYS D 240 -15.60 -22.69 -4.42
CA LYS D 240 -15.24 -21.62 -5.36
C LYS D 240 -14.07 -20.82 -4.75
N TRP D 241 -14.18 -20.47 -3.48
CA TRP D 241 -13.11 -19.75 -2.77
C TRP D 241 -11.83 -20.58 -2.61
N ARG D 242 -12.00 -21.86 -2.26
CA ARG D 242 -10.88 -22.80 -2.19
C ARG D 242 -10.09 -22.92 -3.50
N ARG D 243 -10.79 -23.04 -4.63
CA ARG D 243 -10.15 -23.13 -5.96
C ARG D 243 -9.29 -21.88 -6.34
N LYS D 244 -9.54 -20.76 -5.67
CA LYS D 244 -8.84 -19.49 -5.93
C LYS D 244 -7.45 -19.38 -5.25
N VAL D 245 -7.19 -20.18 -4.21
CA VAL D 245 -5.96 -20.02 -3.39
C VAL D 245 -4.79 -20.72 -4.13
N PRO D 246 -3.74 -19.93 -4.53
CA PRO D 246 -2.56 -20.52 -5.19
C PRO D 246 -1.90 -21.63 -4.38
N LEU D 247 -1.70 -21.41 -3.08
CA LEU D 247 -0.96 -22.36 -2.26
C LEU D 247 -1.86 -23.48 -1.74
N GLY D 248 -2.04 -24.51 -2.56
CA GLY D 248 -2.67 -25.76 -2.14
C GLY D 248 -4.18 -25.78 -2.36
N ARG D 249 -4.71 -24.73 -3.01
CA ARG D 249 -6.12 -24.71 -3.43
C ARG D 249 -7.08 -25.03 -2.25
N ARG D 250 -6.78 -24.45 -1.07
CA ARG D 250 -7.53 -24.75 0.14
C ARG D 250 -7.44 -23.56 1.08
N GLU D 251 -8.42 -23.44 1.99
CA GLU D 251 -8.41 -22.43 3.06
C GLU D 251 -7.36 -22.73 4.14
N ALA D 252 -7.00 -21.71 4.93
CA ALA D 252 -6.14 -21.90 6.09
C ALA D 252 -6.94 -22.58 7.19
N SER D 253 -6.32 -23.51 7.89
CA SER D 253 -6.83 -23.99 9.18
C SER D 253 -6.81 -22.86 10.24
N ALA D 254 -7.66 -22.98 11.26
CA ALA D 254 -7.62 -22.04 12.37
C ALA D 254 -6.22 -22.07 12.99
N GLU D 255 -5.60 -23.25 12.98
CA GLU D 255 -4.29 -23.43 13.60
C GLU D 255 -3.17 -22.69 12.86
N GLN D 256 -3.28 -22.63 11.54
CA GLN D 256 -2.29 -21.92 10.72
C GLN D 256 -2.38 -20.43 10.96
N ILE D 257 -3.60 -19.92 11.17
CA ILE D 257 -3.78 -18.52 11.56
C ILE D 257 -3.20 -18.26 12.96
N ALA D 258 -3.52 -19.14 13.93
CA ALA D 258 -2.99 -19.04 15.30
C ALA D 258 -1.49 -19.08 15.35
N ASP D 259 -0.87 -19.94 14.53
CA ASP D 259 0.58 -20.02 14.39
C ASP D 259 1.20 -18.63 14.23
N ALA D 260 0.52 -17.76 13.47
CA ALA D 260 1.02 -16.43 13.17
C ALA D 260 0.88 -15.48 14.37
N VAL D 261 -0.24 -15.61 15.08
CA VAL D 261 -0.46 -14.93 16.36
C VAL D 261 0.62 -15.29 17.40
N ILE D 262 0.85 -16.59 17.60
CA ILE D 262 1.89 -17.11 18.49
C ILE D 262 3.28 -16.52 18.22
N PHE D 263 3.66 -16.45 16.94
CA PHE D 263 4.92 -15.84 16.53
C PHE D 263 4.97 -14.39 16.99
N LEU D 264 3.95 -13.62 16.65
CA LEU D 264 3.86 -12.19 17.01
C LEU D 264 3.91 -11.81 18.50
N VAL D 265 3.39 -12.70 19.36
CA VAL D 265 3.45 -12.48 20.82
C VAL D 265 4.75 -12.93 21.44
N SER D 266 5.50 -13.76 20.70
CA SER D 266 6.73 -14.40 21.18
C SER D 266 7.96 -13.47 21.22
N GLY D 267 8.97 -13.92 21.97
CA GLY D 267 10.29 -13.30 21.97
C GLY D 267 10.99 -13.24 20.63
N SER D 268 10.55 -14.02 19.65
CA SER D 268 11.11 -13.97 18.29
C SER D 268 10.55 -12.82 17.45
N ALA D 269 9.55 -12.11 18.01
CA ALA D 269 8.99 -10.91 17.39
C ALA D 269 9.21 -9.65 18.23
N GLN D 270 10.29 -9.61 19.02
CA GLN D 270 10.50 -8.49 20.01
C GLN D 270 10.75 -7.11 19.39
N TYR D 271 11.25 -7.06 18.15
CA TYR D 271 11.46 -5.78 17.45
C TYR D 271 10.35 -5.46 16.40
N ILE D 272 9.35 -6.32 16.35
CA ILE D 272 8.25 -6.19 15.43
C ILE D 272 7.04 -5.49 16.08
N THR D 273 6.72 -4.29 15.58
CA THR D 273 5.48 -3.60 15.92
C THR D 273 4.96 -2.85 14.69
N GLY D 274 3.65 -2.76 14.54
CA GLY D 274 3.08 -2.09 13.37
C GLY D 274 3.02 -2.94 12.11
N SER D 275 3.37 -4.22 12.20
CA SER D 275 3.38 -5.10 11.05
C SER D 275 2.12 -5.94 11.01
N ILE D 276 1.57 -6.11 9.81
CA ILE D 276 0.44 -6.97 9.60
C ILE D 276 0.92 -8.09 8.67
N ILE D 277 0.84 -9.33 9.18
CA ILE D 277 1.33 -10.47 8.43
C ILE D 277 0.14 -11.09 7.71
N LYS D 278 0.19 -11.13 6.37
CA LYS D 278 -0.85 -11.89 5.60
C LYS D 278 -0.64 -13.36 5.81
N VAL D 279 -1.72 -14.09 6.03
CA VAL D 279 -1.68 -15.58 6.07
C VAL D 279 -2.80 -16.07 5.12
N ASP D 280 -2.52 -15.95 3.82
CA ASP D 280 -3.55 -16.03 2.80
C ASP D 280 -3.26 -17.00 1.62
N GLY D 281 -2.16 -17.75 1.69
CA GLY D 281 -1.77 -18.68 0.62
C GLY D 281 -1.62 -18.05 -0.75
N GLY D 282 -1.35 -16.74 -0.76
CA GLY D 282 -1.20 -16.01 -2.01
C GLY D 282 -2.47 -15.46 -2.62
N LEU D 283 -3.62 -15.68 -1.96
CA LEU D 283 -4.95 -15.31 -2.53
C LEU D 283 -5.04 -13.83 -2.97
N SER D 284 -4.56 -12.94 -2.12
CA SER D 284 -4.53 -11.50 -2.38
C SER D 284 -3.65 -11.10 -3.58
N LEU D 285 -2.77 -12.00 -4.05
CA LEU D 285 -1.95 -11.75 -5.27
C LEU D 285 -2.60 -12.11 -6.61
N VAL D 286 -3.75 -12.77 -6.57
CA VAL D 286 -4.42 -13.25 -7.78
C VAL D 286 -5.31 -12.16 -8.36
N HIS D 287 -5.03 -11.72 -9.59
CA HIS D 287 -5.92 -10.76 -10.28
C HIS D 287 -7.36 -11.29 -10.54
N ALA D 288 -8.28 -10.36 -10.84
CA ALA D 288 -9.67 -10.69 -11.22
C ALA D 288 -9.71 -11.72 -12.35
PA NAP E . 3.24 -0.89 -25.96
O1A NAP E . 2.47 -0.75 -27.21
O2A NAP E . 3.25 -2.29 -25.50
O5B NAP E . 4.67 -0.26 -26.11
C5B NAP E . 4.80 1.11 -26.40
C4B NAP E . 6.09 1.29 -27.19
O4B NAP E . 7.18 0.84 -26.41
C3B NAP E . 6.23 0.47 -28.46
O3B NAP E . 5.59 1.07 -29.56
C2B NAP E . 7.76 0.41 -28.65
O2B NAP E . 8.26 1.28 -29.66
C1B NAP E . 8.29 0.83 -27.28
N9A NAP E . 9.37 -0.13 -26.97
C8A NAP E . 9.29 -1.46 -26.70
N7A NAP E . 10.57 -1.93 -26.56
C5A NAP E . 11.44 -0.92 -26.74
C6A NAP E . 12.83 -0.85 -26.72
N6A NAP E . 13.60 -1.92 -26.47
N1A NAP E . 13.43 0.37 -26.97
C2A NAP E . 12.66 1.51 -27.20
N3A NAP E . 11.28 1.44 -27.23
C4A NAP E . 10.69 0.23 -27.01
O3 NAP E . 2.53 0.09 -24.91
PN NAP E . 1.01 0.48 -24.61
O1N NAP E . 0.62 1.60 -25.49
O2N NAP E . 0.23 -0.76 -24.56
O5D NAP E . 1.16 1.06 -23.10
C5D NAP E . 1.63 2.36 -22.77
C4D NAP E . 2.26 2.35 -21.37
O4D NAP E . 1.29 2.07 -20.38
C3D NAP E . 3.34 1.28 -21.24
O3D NAP E . 4.34 1.75 -20.37
C2D NAP E . 2.61 0.13 -20.58
O2D NAP E . 3.46 -0.68 -19.81
C1D NAP E . 1.59 0.85 -19.72
N1N NAP E . 0.44 -0.06 -19.57
C2N NAP E . -0.35 -0.34 -20.65
C3N NAP E . -1.43 -1.22 -20.50
C7N NAP E . -2.30 -1.52 -21.67
O7N NAP E . -3.50 -2.14 -21.35
N7N NAP E . -1.96 -1.19 -22.92
C4N NAP E . -1.71 -1.77 -19.25
C5N NAP E . -0.91 -1.47 -18.15
C6N NAP E . 0.19 -0.61 -18.32
P2B NAP E . 8.33 1.00 -31.27
O1X NAP E . 8.69 2.34 -31.88
O2X NAP E . 6.97 0.55 -31.73
O3X NAP E . 9.33 -0.05 -31.60
NAF AX7 F . -0.40 -4.68 -21.28
CAI AX7 F . -1.39 -5.39 -20.75
CAD AX7 F . -2.47 -6.11 -21.32
CAB AX7 F . -3.36 -6.78 -20.50
CAC AX7 F . -3.19 -6.75 -19.11
CAE AX7 F . -2.13 -6.04 -18.53
CAJ AX7 F . -1.22 -5.37 -19.36
NAG AX7 F . -0.14 -4.65 -19.09
CAH AX7 F . 0.36 -4.23 -20.26
NAA AX7 F . 1.45 -3.48 -20.39
C ACT G . -2.12 4.29 -33.35
O ACT G . -1.70 4.45 -34.53
OXT ACT G . -1.91 3.19 -32.81
CH3 ACT G . -2.85 5.33 -32.63
PA NAP H . -11.67 21.40 8.54
O1A NAP H . -11.57 22.88 8.55
O2A NAP H . -10.88 20.83 9.64
O5B NAP H . -13.18 20.89 8.63
C5B NAP H . -14.06 21.08 7.56
C4B NAP H . -15.44 21.26 8.14
O4B NAP H . -15.85 20.04 8.70
C3B NAP H . -15.56 22.24 9.30
O3B NAP H . -15.54 23.58 8.85
C2B NAP H . -16.89 21.78 9.89
O2B NAP H . -17.99 22.55 9.44
C1B NAP H . -17.05 20.34 9.36
N9A NAP H . -17.40 19.52 10.53
C8A NAP H . -16.63 19.27 11.64
N7A NAP H . -17.35 18.54 12.51
C5A NAP H . -18.60 18.32 11.98
C6A NAP H . -19.75 17.67 12.47
N6A NAP H . -19.79 17.07 13.65
N1A NAP H . -20.87 17.63 11.66
C2A NAP H . -20.88 18.25 10.41
N3A NAP H . -19.77 18.92 9.96
C4A NAP H . -18.65 18.97 10.75
O3 NAP H . -11.21 20.86 7.12
PN NAP H . -9.98 21.26 6.18
O1N NAP H . -10.40 22.35 5.29
O2N NAP H . -8.75 21.48 7.01
O5D NAP H . -9.86 19.90 5.33
C5D NAP H . -10.79 19.47 4.35
C4D NAP H . -10.65 17.94 4.23
O4D NAP H . -9.32 17.57 3.90
C3D NAP H . -10.98 17.25 5.54
O3D NAP H . -11.66 16.06 5.21
C2D NAP H . -9.64 16.90 6.14
O2D NAP H . -9.63 15.77 7.00
C1D NAP H . -8.80 16.69 4.88
N1N NAP H . -7.41 16.99 5.17
C2N NAP H . -7.05 18.29 5.42
C3N NAP H . -5.74 18.59 5.71
C7N NAP H . -5.29 20.00 5.98
O7N NAP H . -3.91 20.20 6.04
N7N NAP H . -6.14 21.01 6.20
C4N NAP H . -4.82 17.53 5.75
C5N NAP H . -5.19 16.22 5.50
C6N NAP H . -6.52 15.95 5.20
P2B NAP H . -18.50 23.88 10.21
O1X NAP H . -19.67 24.44 9.44
O2X NAP H . -17.40 24.92 10.22
O3X NAP H . -18.97 23.55 11.59
PA NAP I . 25.36 -5.57 3.78
O1A NAP I . 26.26 -5.78 4.94
O2A NAP I . 25.32 -4.20 3.24
O5B NAP I . 25.65 -6.62 2.60
C5B NAP I . 25.61 -8.02 2.83
C4B NAP I . 26.55 -8.74 1.87
O4B NAP I . 26.16 -8.53 0.52
C3B NAP I . 27.99 -8.22 1.88
O3B NAP I . 28.71 -8.68 3.00
C2B NAP I . 28.52 -8.72 0.54
O2B NAP I . 29.29 -9.90 0.66
C1B NAP I . 27.22 -8.97 -0.27
N9A NAP I . 27.39 -8.22 -1.54
C8A NAP I . 27.48 -6.85 -1.75
N7A NAP I . 27.71 -6.63 -3.07
C5A NAP I . 27.78 -7.85 -3.70
C6A NAP I . 28.03 -8.26 -5.01
N6A NAP I . 28.23 -7.41 -6.03
N1A NAP I . 28.03 -9.62 -5.29
C2A NAP I . 27.82 -10.58 -4.31
N3A NAP I . 27.62 -10.19 -3.02
C4A NAP I . 27.60 -8.85 -2.72
O3 NAP I . 23.93 -6.05 4.28
PN NAP I . 23.28 -5.94 5.73
O1N NAP I . 23.70 -7.13 6.52
O2N NAP I . 23.41 -4.55 6.25
O5D NAP I . 21.71 -6.21 5.33
C5D NAP I . 21.25 -7.50 4.92
C4D NAP I . 20.00 -7.37 4.06
O4D NAP I . 19.03 -6.59 4.75
C3D NAP I . 20.31 -6.66 2.75
O3D NAP I . 19.54 -7.25 1.76
C2D NAP I . 19.84 -5.25 3.03
O2D NAP I . 19.53 -4.48 1.90
C1D NAP I . 18.66 -5.46 3.97
N1N NAP I . 18.47 -4.29 4.86
C2N NAP I . 19.38 -4.04 5.86
C3N NAP I . 19.24 -2.93 6.69
C7N NAP I . 20.24 -2.66 7.78
O7N NAP I . 19.90 -1.76 8.77
N7N NAP I . 21.42 -3.27 7.82
C4N NAP I . 18.16 -2.09 6.49
C5N NAP I . 17.24 -2.33 5.48
C6N NAP I . 17.40 -3.45 4.65
P2B NAP I . 30.89 -9.93 0.81
O1X NAP I . 31.18 -9.31 2.17
O2X NAP I . 31.49 -9.15 -0.34
O3X NAP I . 31.29 -11.38 0.85
NAF AX7 J . 19.20 0.12 4.02
CAI AX7 J . 19.44 0.87 5.11
CAD AX7 J . 18.77 1.96 5.70
CAB AX7 J . 19.28 2.56 6.86
CAC AX7 J . 20.46 2.08 7.43
CAE AX7 J . 21.15 1.01 6.85
CAJ AX7 J . 20.63 0.41 5.69
NAG AX7 J . 21.07 -0.61 4.93
CAH AX7 J . 20.20 -0.78 3.93
NAA AX7 J . 20.33 -1.71 2.98
C ACT K . 34.23 -25.57 2.67
O ACT K . 34.42 -26.84 2.66
OXT ACT K . 33.49 -25.14 1.75
CH3 ACT K . 34.83 -24.63 3.68
PA NAP L . -16.20 -15.39 13.14
O1A NAP L . -16.52 -16.80 13.46
O2A NAP L . -16.98 -14.84 12.02
O5B NAP L . -16.41 -14.50 14.47
C5B NAP L . -15.68 -14.79 15.64
C4B NAP L . -16.52 -14.48 16.87
O4B NAP L . -16.81 -13.10 16.87
C3B NAP L . -17.87 -15.17 16.94
O3B NAP L . -17.78 -16.49 17.47
C2B NAP L . -18.66 -14.21 17.82
O2B NAP L . -18.78 -14.68 19.16
C1B NAP L . -17.82 -12.92 17.80
N9A NAP L . -18.75 -11.82 17.57
C8A NAP L . -19.54 -11.52 16.48
N7A NAP L . -20.29 -10.42 16.83
C5A NAP L . -19.97 -10.04 18.10
C6A NAP L . -20.41 -9.02 18.96
N6A NAP L . -21.34 -8.18 18.53
N1A NAP L . -19.90 -8.90 20.23
C2A NAP L . -18.93 -9.79 20.68
N3A NAP L . -18.50 -10.81 19.83
C4A NAP L . -19.01 -10.92 18.57
O3 NAP L . -14.61 -15.24 12.92
PN NAP L . -13.56 -16.25 12.24
O1N NAP L . -13.26 -17.25 13.30
O2N NAP L . -14.09 -16.60 10.91
O5D NAP L . -12.28 -15.27 11.99
C5D NAP L . -11.46 -14.71 13.01
C4D NAP L . -10.94 -13.32 12.68
O4D NAP L . -10.23 -13.33 11.44
C3D NAP L . -12.05 -12.29 12.51
O3D NAP L . -11.63 -11.02 12.96
C2D NAP L . -12.23 -12.22 11.00
O2D NAP L . -12.74 -11.01 10.55
C1D NAP L . -10.83 -12.48 10.50
N1N NAP L . -10.91 -13.10 9.17
C2N NAP L . -11.36 -14.39 9.03
C3N NAP L . -11.40 -14.96 7.77
C7N NAP L . -11.91 -16.35 7.57
O7N NAP L . -11.78 -16.90 6.30
N7N NAP L . -12.51 -17.02 8.56
C4N NAP L . -10.98 -14.19 6.66
C5N NAP L . -10.53 -12.90 6.81
C6N NAP L . -10.49 -12.38 8.09
P2B NAP L . -19.93 -15.64 19.76
O1X NAP L . -19.49 -15.91 21.20
O2X NAP L . -20.00 -16.94 18.96
O3X NAP L . -21.26 -14.92 19.71
NAF AX7 M . -14.64 -14.06 6.64
CAI AX7 M . -14.48 -14.43 5.35
CAD AX7 M . -14.80 -15.61 4.65
CAB AX7 M . -14.52 -15.71 3.28
CAC AX7 M . -13.92 -14.64 2.61
CAE AX7 M . -13.60 -13.47 3.31
CAJ AX7 M . -13.88 -13.37 4.69
NAG AX7 M . -13.68 -12.38 5.58
CAH AX7 M . -14.14 -12.81 6.76
NAA AX7 M . -14.11 -12.10 7.90
#